data_1DXS
# 
_entry.id   1DXS 
# 
_audit_conform.dict_name       mmcif_pdbx.dic 
_audit_conform.dict_version    5.382 
_audit_conform.dict_location   http://mmcif.pdb.org/dictionaries/ascii/mmcif_pdbx.dic 
# 
loop_
_database_2.database_id 
_database_2.database_code 
_database_2.pdbx_database_accession 
_database_2.pdbx_DOI 
PDB   1DXS         pdb_00001dxs 10.2210/pdb1dxs/pdb 
PDBE  EBI-4375     ?            ?                   
WWPDB D_1290004375 ?            ?                   
# 
_pdbx_database_related.db_name        PDB 
_pdbx_database_related.db_id          1COK 
_pdbx_database_related.content_type   unspecified 
_pdbx_database_related.details        'STRUCTURE OF THE C-TERMINAL DOMAIN OF P73' 
# 
_pdbx_database_status.status_code                     REL 
_pdbx_database_status.entry_id                        1DXS 
_pdbx_database_status.deposit_site                    PDBE 
_pdbx_database_status.process_site                    PDBE 
_pdbx_database_status.SG_entry                        . 
_pdbx_database_status.recvd_initial_deposition_date   2000-01-15 
_pdbx_database_status.pdb_format_compatible           Y 
_pdbx_database_status.status_code_sf                  ? 
_pdbx_database_status.status_code_mr                  ? 
_pdbx_database_status.status_code_cs                  ? 
_pdbx_database_status.methods_development_category    ? 
_pdbx_database_status.status_code_nmr_data            ? 
# 
loop_
_audit_author.name 
_audit_author.pdbx_ordinal 
_audit_author.identifier_ORCID 
'Wang, W.K.' 1 ? 
'Chen, Y.W.' 2 ? 
# 
loop_
_citation.id 
_citation.title 
_citation.journal_abbrev 
_citation.journal_volume 
_citation.page_first 
_citation.page_last 
_citation.year 
_citation.journal_id_ASTM 
_citation.country 
_citation.journal_id_ISSN 
_citation.journal_id_CSD 
_citation.book_publisher 
_citation.pdbx_database_id_PubMed 
_citation.pdbx_database_id_DOI 
primary 'Structure of the C-Terminal Sterile Alpha-Motif (Sam) Domain of Human P73 Alpha'                               
'Acta Crystallogr.,Sect.D' 57 545  ? 2001 ABCRE6 DK 0907-4449 0766 ? 11264583 10.1107/S0907444901002529 
1       'Crystallization and Preliminary Crystallographic Studies of a Sam Domain at the C-Terminus of Human P73 Alpha' 
'Acta Crystallogr.,Sect.D' 56 769  ? 2000 ABCRE6 DK 0907-4449 0766 ? 10818360 10.1107/S0907444900005059 
2       'Solution Structure of a Conserved C-Terminal Domain of P73 with Structural Homology to the Sam Domain'         'Embo J.' 
18 4438 ? 1999 EMJODG UK 0261-4189 0897 ? 10449409 10.1093/EMBOJ/18.16.4438  
# 
loop_
_citation_author.citation_id 
_citation_author.name 
_citation_author.ordinal 
_citation_author.identifier_ORCID 
primary 'Wang, W.K.'       1  ? 
primary 'Bycroft, M.'      2  ? 
primary 'Foster, N.W.'     3  ? 
primary 'Buckle, A.M.'     4  ? 
primary 'Fersht, A.R.'     5  ? 
primary 'Chen, Y.W.'       6  ? 
1       'Wang, W.K.'       7  ? 
1       'Proctor, M.'      8  ? 
1       'Buckle, A.M.'     9  ? 
1       'Bycroft, M.'      10 ? 
1       'Chen, Y.W.'       11 ? 
2       'Chi, S.-W.'       12 ? 
2       'Ayed, A.'         13 ? 
2       'Arrowsmith, C.H.' 14 ? 
# 
_cell.entry_id           1DXS 
_cell.length_a           32.020 
_cell.length_b           32.020 
_cell.length_c           133.840 
_cell.angle_alpha        90.00 
_cell.angle_beta         90.00 
_cell.angle_gamma        90.00 
_cell.Z_PDB              8 
_cell.pdbx_unique_axis   ? 
# 
_symmetry.entry_id                         1DXS 
_symmetry.space_group_name_H-M             'P 41 21 2' 
_symmetry.pdbx_full_space_group_name_H-M   ? 
_symmetry.cell_setting                     ? 
_symmetry.Int_Tables_number                92 
# 
loop_
_entity.id 
_entity.type 
_entity.src_method 
_entity.pdbx_description 
_entity.formula_weight 
_entity.pdbx_number_of_molecules 
_entity.pdbx_ec 
_entity.pdbx_mutation 
_entity.pdbx_fragment 
_entity.details 
1 polymer man 'P53-LIKE TRANSCRIPTION FACTOR' 9026.124 1  ? ? 'C-TERMINAL STERILE ALPHA MOTIF (SAM) DOMAIN' ? 
2 water   nat water                           18.015   26 ? ? ?                                             ? 
# 
_entity_poly.entity_id                      1 
_entity_poly.type                           'polypeptide(L)' 
_entity_poly.nstd_linkage                   no 
_entity_poly.nstd_monomer                   no 
_entity_poly.pdbx_seq_one_letter_code       GSYHADPSLVSFLTGLGCPNCIEYFTSQGLQSIYHLQNLTIEDLGALKIPEQYRMTIWRGLQDLKQGHDYSTAQQLLRSS 
_entity_poly.pdbx_seq_one_letter_code_can   GSYHADPSLVSFLTGLGCPNCIEYFTSQGLQSIYHLQNLTIEDLGALKIPEQYRMTIWRGLQDLKQGHDYSTAQQLLRSS 
_entity_poly.pdbx_strand_id                 A 
_entity_poly.pdbx_target_identifier         ? 
# 
loop_
_entity_poly_seq.entity_id 
_entity_poly_seq.num 
_entity_poly_seq.mon_id 
_entity_poly_seq.hetero 
1 1  GLY n 
1 2  SER n 
1 3  TYR n 
1 4  HIS n 
1 5  ALA n 
1 6  ASP n 
1 7  PRO n 
1 8  SER n 
1 9  LEU n 
1 10 VAL n 
1 11 SER n 
1 12 PHE n 
1 13 LEU n 
1 14 THR n 
1 15 GLY n 
1 16 LEU n 
1 17 GLY n 
1 18 CYS n 
1 19 PRO n 
1 20 ASN n 
1 21 CYS n 
1 22 ILE n 
1 23 GLU n 
1 24 TYR n 
1 25 PHE n 
1 26 THR n 
1 27 SER n 
1 28 GLN n 
1 29 GLY n 
1 30 LEU n 
1 31 GLN n 
1 32 SER n 
1 33 ILE n 
1 34 TYR n 
1 35 HIS n 
1 36 LEU n 
1 37 GLN n 
1 38 ASN n 
1 39 LEU n 
1 40 THR n 
1 41 ILE n 
1 42 GLU n 
1 43 ASP n 
1 44 LEU n 
1 45 GLY n 
1 46 ALA n 
1 47 LEU n 
1 48 LYS n 
1 49 ILE n 
1 50 PRO n 
1 51 GLU n 
1 52 GLN n 
1 53 TYR n 
1 54 ARG n 
1 55 MET n 
1 56 THR n 
1 57 ILE n 
1 58 TRP n 
1 59 ARG n 
1 60 GLY n 
1 61 LEU n 
1 62 GLN n 
1 63 ASP n 
1 64 LEU n 
1 65 LYS n 
1 66 GLN n 
1 67 GLY n 
1 68 HIS n 
1 69 ASP n 
1 70 TYR n 
1 71 SER n 
1 72 THR n 
1 73 ALA n 
1 74 GLN n 
1 75 GLN n 
1 76 LEU n 
1 77 LEU n 
1 78 ARG n 
1 79 SER n 
1 80 SER n 
# 
_entity_src_gen.entity_id                          1 
_entity_src_gen.pdbx_src_id                        1 
_entity_src_gen.pdbx_alt_source_flag               sample 
_entity_src_gen.pdbx_seq_type                      ? 
_entity_src_gen.pdbx_beg_seq_num                   ? 
_entity_src_gen.pdbx_end_seq_num                   ? 
_entity_src_gen.gene_src_common_name               HUMAN 
_entity_src_gen.gene_src_genus                     ? 
_entity_src_gen.pdbx_gene_src_gene                 P73 
_entity_src_gen.gene_src_species                   ? 
_entity_src_gen.gene_src_strain                    ? 
_entity_src_gen.gene_src_tissue                    ? 
_entity_src_gen.gene_src_tissue_fraction           ? 
_entity_src_gen.gene_src_details                   ? 
_entity_src_gen.pdbx_gene_src_fragment             ? 
_entity_src_gen.pdbx_gene_src_scientific_name      'HOMO SAPIENS' 
_entity_src_gen.pdbx_gene_src_ncbi_taxonomy_id     9606 
_entity_src_gen.pdbx_gene_src_variant              ? 
_entity_src_gen.pdbx_gene_src_cell_line            ? 
_entity_src_gen.pdbx_gene_src_atcc                 ? 
_entity_src_gen.pdbx_gene_src_organ                ? 
_entity_src_gen.pdbx_gene_src_organelle            ? 
_entity_src_gen.pdbx_gene_src_cell                 ? 
_entity_src_gen.pdbx_gene_src_cellular_location    NUCLEUS 
_entity_src_gen.host_org_common_name               ? 
_entity_src_gen.pdbx_host_org_scientific_name      'ESCHERICHIA COLI BL21(DE3)' 
_entity_src_gen.pdbx_host_org_ncbi_taxonomy_id     469008 
_entity_src_gen.host_org_genus                     ? 
_entity_src_gen.pdbx_host_org_gene                 ? 
_entity_src_gen.pdbx_host_org_organ                ? 
_entity_src_gen.host_org_species                   ? 
_entity_src_gen.pdbx_host_org_tissue               ? 
_entity_src_gen.pdbx_host_org_tissue_fraction      ? 
_entity_src_gen.pdbx_host_org_strain               ? 
_entity_src_gen.pdbx_host_org_variant              C41 
_entity_src_gen.pdbx_host_org_cell_line            ? 
_entity_src_gen.pdbx_host_org_atcc                 ? 
_entity_src_gen.pdbx_host_org_culture_collection   ? 
_entity_src_gen.pdbx_host_org_cell                 ? 
_entity_src_gen.pdbx_host_org_organelle            ? 
_entity_src_gen.pdbx_host_org_cellular_location    CYTOPLASM 
_entity_src_gen.pdbx_host_org_vector_type          PLASMID 
_entity_src_gen.pdbx_host_org_vector               ? 
_entity_src_gen.host_org_details                   ? 
_entity_src_gen.expression_system_id               ? 
_entity_src_gen.plasmid_name                       'MODIFIED PRESET A' 
_entity_src_gen.plasmid_details                    ? 
_entity_src_gen.pdbx_description                   ? 
# 
loop_
_struct_ref.id 
_struct_ref.db_name 
_struct_ref.db_code 
_struct_ref.entity_id 
_struct_ref.pdbx_seq_one_letter_code 
_struct_ref.pdbx_align_begin 
_struct_ref.pdbx_db_accession 
_struct_ref.pdbx_db_isoform 
1 PDB 1DXS   1 ? ? 1DXS   ? 
2 UNP O15350 1 ? ? O15350 ? 
# 
loop_
_struct_ref_seq.align_id 
_struct_ref_seq.ref_id 
_struct_ref_seq.pdbx_PDB_id_code 
_struct_ref_seq.pdbx_strand_id 
_struct_ref_seq.seq_align_beg 
_struct_ref_seq.pdbx_seq_align_beg_ins_code 
_struct_ref_seq.seq_align_end 
_struct_ref_seq.pdbx_seq_align_end_ins_code 
_struct_ref_seq.pdbx_db_accession 
_struct_ref_seq.db_align_beg 
_struct_ref_seq.pdbx_db_align_beg_ins_code 
_struct_ref_seq.db_align_end 
_struct_ref_seq.pdbx_db_align_end_ins_code 
_struct_ref_seq.pdbx_auth_seq_align_beg 
_struct_ref_seq.pdbx_auth_seq_align_end 
1 1 1DXS A 1 ? 2  ? 1DXS   -2  ? -1  ? -2 -1 
2 2 1DXS A 3 ? 80 ? O15350 487 ? 564 ? 1  78 
# 
loop_
_chem_comp.id 
_chem_comp.type 
_chem_comp.mon_nstd_flag 
_chem_comp.name 
_chem_comp.pdbx_synonyms 
_chem_comp.formula 
_chem_comp.formula_weight 
ALA 'L-peptide linking' y ALANINE         ? 'C3 H7 N O2'     89.093  
ARG 'L-peptide linking' y ARGININE        ? 'C6 H15 N4 O2 1' 175.209 
ASN 'L-peptide linking' y ASPARAGINE      ? 'C4 H8 N2 O3'    132.118 
ASP 'L-peptide linking' y 'ASPARTIC ACID' ? 'C4 H7 N O4'     133.103 
CYS 'L-peptide linking' y CYSTEINE        ? 'C3 H7 N O2 S'   121.158 
GLN 'L-peptide linking' y GLUTAMINE       ? 'C5 H10 N2 O3'   146.144 
GLU 'L-peptide linking' y 'GLUTAMIC ACID' ? 'C5 H9 N O4'     147.129 
GLY 'peptide linking'   y GLYCINE         ? 'C2 H5 N O2'     75.067  
HIS 'L-peptide linking' y HISTIDINE       ? 'C6 H10 N3 O2 1' 156.162 
HOH non-polymer         . WATER           ? 'H2 O'           18.015  
ILE 'L-peptide linking' y ISOLEUCINE      ? 'C6 H13 N O2'    131.173 
LEU 'L-peptide linking' y LEUCINE         ? 'C6 H13 N O2'    131.173 
LYS 'L-peptide linking' y LYSINE          ? 'C6 H15 N2 O2 1' 147.195 
MET 'L-peptide linking' y METHIONINE      ? 'C5 H11 N O2 S'  149.211 
PHE 'L-peptide linking' y PHENYLALANINE   ? 'C9 H11 N O2'    165.189 
PRO 'L-peptide linking' y PROLINE         ? 'C5 H9 N O2'     115.130 
SER 'L-peptide linking' y SERINE          ? 'C3 H7 N O3'     105.093 
THR 'L-peptide linking' y THREONINE       ? 'C4 H9 N O3'     119.119 
TRP 'L-peptide linking' y TRYPTOPHAN      ? 'C11 H12 N2 O2'  204.225 
TYR 'L-peptide linking' y TYROSINE        ? 'C9 H11 N O3'    181.189 
VAL 'L-peptide linking' y VALINE          ? 'C5 H11 N O2'    117.146 
# 
_exptl.entry_id          1DXS 
_exptl.method            'X-RAY DIFFRACTION' 
_exptl.crystals_number   2 
# 
_exptl_crystal.id                    1 
_exptl_crystal.density_meas          ? 
_exptl_crystal.density_Matthews      1.93 
_exptl_crystal.density_percent_sol   36 
_exptl_crystal.description           ? 
_exptl_crystal.preparation           ? 
# 
_exptl_crystal_grow.crystal_id      1 
_exptl_crystal_grow.method          'VAPOR DIFFUSION, HANGING DROP' 
_exptl_crystal_grow.temp            290 
_exptl_crystal_grow.temp_details    ? 
_exptl_crystal_grow.pH              8.50 
_exptl_crystal_grow.pdbx_pH_range   ? 
_exptl_crystal_grow.pdbx_details    
'CRYSTALLIZED IN 0.1M TRIS-HCL PH8.5, 2.0M MONO-AMMONIUM DIHYDROGEN PHOSPHATE, AT 290K., pH 8.50' 
# 
_diffrn.id                               1 
_diffrn.ambient_temp                     100.0 
_diffrn.ambient_temp_details             ? 
_diffrn.crystal_id                       1 
_diffrn.pdbx_serial_crystal_experiment   ? 
# 
_diffrn_detector.diffrn_id              1 
_diffrn_detector.detector               'IMAGE PLATE' 
_diffrn_detector.type                   MARRESEARCH 
_diffrn_detector.pdbx_collection_date   1999-06-15 
_diffrn_detector.details                MIRRORS 
# 
_diffrn_radiation.diffrn_id                        1 
_diffrn_radiation.wavelength_id                    1 
_diffrn_radiation.pdbx_monochromatic_or_laue_m_l   M 
_diffrn_radiation.monochromator                    'NI FILTER' 
_diffrn_radiation.pdbx_diffrn_protocol             'SINGLE WAVELENGTH' 
_diffrn_radiation.pdbx_scattering_type             x-ray 
# 
_diffrn_radiation_wavelength.id           1 
_diffrn_radiation_wavelength.wavelength   1.5418 
_diffrn_radiation_wavelength.wt           1.0 
# 
_diffrn_source.diffrn_id                   1 
_diffrn_source.source                      'ROTATING ANODE' 
_diffrn_source.type                        'RIGAKU RUH3R' 
_diffrn_source.pdbx_synchrotron_site       ? 
_diffrn_source.pdbx_synchrotron_beamline   ? 
_diffrn_source.pdbx_wavelength             1.5418 
_diffrn_source.pdbx_wavelength_list        ? 
# 
_reflns.pdbx_diffrn_id               1 
_reflns.pdbx_ordinal                 1 
_reflns.entry_id                     1DXS 
_reflns.observed_criterion_sigma_I   2.000 
_reflns.observed_criterion_sigma_F   ? 
_reflns.d_resolution_low             26.000 
_reflns.d_resolution_high            2.540 
_reflns.number_obs                   2510 
_reflns.number_all                   ? 
_reflns.percent_possible_obs         94.9 
_reflns.pdbx_Rmerge_I_obs            0.07300 
_reflns.pdbx_Rsym_value              0.06700 
_reflns.pdbx_netI_over_sigmaI        7.6000 
_reflns.B_iso_Wilson_estimate        59.4 
_reflns.pdbx_redundancy              6.800 
# 
_reflns_shell.pdbx_diffrn_id         1 
_reflns_shell.pdbx_ordinal           1 
_reflns_shell.d_res_high             2.54 
_reflns_shell.d_res_low              2.71 
_reflns_shell.percent_possible_all   97.8 
_reflns_shell.Rmerge_I_obs           0.40800 
_reflns_shell.pdbx_Rsym_value        0.37700 
_reflns_shell.meanI_over_sigI_obs    2.000 
_reflns_shell.pdbx_redundancy        6.80 
# 
_refine.pdbx_refine_id                           'X-RAY DIFFRACTION' 
_refine.entry_id                                 1DXS 
_refine.pdbx_diffrn_id                           1 
_refine.pdbx_TLS_residual_ADP_flag               ? 
_refine.ls_number_reflns_obs                     2510 
_refine.ls_number_reflns_all                     ? 
_refine.pdbx_ls_sigma_I                          ? 
_refine.pdbx_ls_sigma_F                          0.0 
_refine.pdbx_data_cutoff_high_absF               ? 
_refine.pdbx_data_cutoff_low_absF                ? 
_refine.pdbx_data_cutoff_high_rms_absF           ? 
_refine.ls_d_res_low                             26.0 
_refine.ls_d_res_high                            2.54 
_refine.ls_percent_reflns_obs                    94.9 
_refine.ls_R_factor_obs                          0.275 
_refine.ls_R_factor_all                          ? 
_refine.ls_R_factor_R_work                       0.275 
_refine.ls_R_factor_R_free                       0.346 
_refine.ls_R_factor_R_free_error                 ? 
_refine.ls_R_factor_R_free_error_details         ? 
_refine.ls_percent_reflns_R_free                 10.2 
_refine.ls_number_reflns_R_free                  269 
_refine.ls_number_parameters                     ? 
_refine.ls_number_restraints                     ? 
_refine.occupancy_min                            ? 
_refine.occupancy_max                            ? 
_refine.correlation_coeff_Fo_to_Fc               ? 
_refine.correlation_coeff_Fo_to_Fc_free          ? 
_refine.B_iso_mean                               62.1 
_refine.aniso_B[1][1]                            -9.93 
_refine.aniso_B[2][2]                            -9.93 
_refine.aniso_B[3][3]                            19.87 
_refine.aniso_B[1][2]                            0.00 
_refine.aniso_B[1][3]                            0.00 
_refine.aniso_B[2][3]                            0.00 
_refine.solvent_model_details                    'MASKED FLAT MODEL' 
_refine.solvent_model_param_ksol                 0.352 
_refine.solvent_model_param_bsol                 92.7 
_refine.pdbx_solvent_vdw_probe_radii             ? 
_refine.pdbx_solvent_ion_probe_radii             ? 
_refine.pdbx_solvent_shrinkage_radii             ? 
_refine.pdbx_ls_cross_valid_method               THROUGHOUT 
_refine.details                                  'C TERMINAL RESIDUES ARE NOT SEEN IN THE DENSITY MAPS' 
_refine.pdbx_starting_model                      'PDB ENTRY 1COK' 
_refine.pdbx_method_to_determine_struct          'MOLECULAR REPLACEMENT' 
_refine.pdbx_isotropic_thermal_model             UNRESTRAINED 
_refine.pdbx_stereochemistry_target_values       ? 
_refine.pdbx_stereochem_target_val_spec_case     ? 
_refine.pdbx_R_Free_selection_details            RANDOM 
_refine.pdbx_overall_ESU_R                       ? 
_refine.pdbx_overall_ESU_R_Free                  ? 
_refine.overall_SU_ML                            ? 
_refine.pdbx_overall_phase_error                 ? 
_refine.overall_SU_B                             ? 
_refine.overall_SU_R_Cruickshank_DPI             ? 
_refine.pdbx_overall_SU_R_free_Cruickshank_DPI   ? 
_refine.pdbx_overall_SU_R_Blow_DPI               ? 
_refine.pdbx_overall_SU_R_free_Blow_DPI          ? 
# 
_refine_analyze.pdbx_refine_id                  'X-RAY DIFFRACTION' 
_refine_analyze.entry_id                        1DXS 
_refine_analyze.Luzzati_coordinate_error_obs    0.42 
_refine_analyze.Luzzati_sigma_a_obs             0.42 
_refine_analyze.Luzzati_d_res_low_obs           5.0 
_refine_analyze.Luzzati_coordinate_error_free   0.57 
_refine_analyze.Luzzati_sigma_a_free            0.55 
_refine_analyze.Luzzati_d_res_low_free          ? 
_refine_analyze.number_disordered_residues      ? 
_refine_analyze.occupancy_sum_hydrogen          ? 
_refine_analyze.occupancy_sum_non_hydrogen      ? 
# 
_refine_hist.pdbx_refine_id                   'X-RAY DIFFRACTION' 
_refine_hist.cycle_id                         LAST 
_refine_hist.pdbx_number_atoms_protein        441 
_refine_hist.pdbx_number_atoms_nucleic_acid   0 
_refine_hist.pdbx_number_atoms_ligand         0 
_refine_hist.number_atoms_solvent             26 
_refine_hist.number_atoms_total               467 
_refine_hist.d_res_high                       2.54 
_refine_hist.d_res_low                        26.0 
# 
loop_
_refine_ls_restr.type 
_refine_ls_restr.dev_ideal 
_refine_ls_restr.dev_ideal_target 
_refine_ls_restr.weight 
_refine_ls_restr.number 
_refine_ls_restr.pdbx_refine_id 
_refine_ls_restr.pdbx_restraint_function 
c_bond_d                0.007 ? ? ? 'X-RAY DIFFRACTION' ? 
c_bond_d_na             ?     ? ? ? 'X-RAY DIFFRACTION' ? 
c_bond_d_prot           ?     ? ? ? 'X-RAY DIFFRACTION' ? 
c_angle_d               ?     ? ? ? 'X-RAY DIFFRACTION' ? 
c_angle_d_na            ?     ? ? ? 'X-RAY DIFFRACTION' ? 
c_angle_d_prot          ?     ? ? ? 'X-RAY DIFFRACTION' ? 
c_angle_deg             1.2   ? ? ? 'X-RAY DIFFRACTION' ? 
c_angle_deg_na          ?     ? ? ? 'X-RAY DIFFRACTION' ? 
c_angle_deg_prot        ?     ? ? ? 'X-RAY DIFFRACTION' ? 
c_dihedral_angle_d      20.4  ? ? ? 'X-RAY DIFFRACTION' ? 
c_dihedral_angle_d_na   ?     ? ? ? 'X-RAY DIFFRACTION' ? 
c_dihedral_angle_d_prot ?     ? ? ? 'X-RAY DIFFRACTION' ? 
c_improper_angle_d      0.71  ? ? ? 'X-RAY DIFFRACTION' ? 
c_improper_angle_d_na   ?     ? ? ? 'X-RAY DIFFRACTION' ? 
c_improper_angle_d_prot ?     ? ? ? 'X-RAY DIFFRACTION' ? 
c_mcbond_it             7.8   ? ? ? 'X-RAY DIFFRACTION' ? 
c_mcangle_it            12.1  ? ? ? 'X-RAY DIFFRACTION' ? 
c_scbond_it             14.0  ? ? ? 'X-RAY DIFFRACTION' ? 
c_scangle_it            19.4  ? ? ? 'X-RAY DIFFRACTION' ? 
# 
_refine_ls_shell.pdbx_refine_id                   'X-RAY DIFFRACTION' 
_refine_ls_shell.pdbx_total_number_of_bins_used   10 
_refine_ls_shell.d_res_high                       2.54 
_refine_ls_shell.d_res_low                        2.63 
_refine_ls_shell.number_reflns_R_work             207 
_refine_ls_shell.R_factor_R_work                  0.351 
_refine_ls_shell.percent_reflns_obs               96.4 
_refine_ls_shell.R_factor_R_free                  0.483 
_refine_ls_shell.R_factor_R_free_error            ? 
_refine_ls_shell.percent_reflns_R_free            12.9 
_refine_ls_shell.number_reflns_R_free             32 
_refine_ls_shell.number_reflns_all                ? 
_refine_ls_shell.R_factor_all                     ? 
# 
loop_
_pdbx_xplor_file.pdbx_refine_id 
_pdbx_xplor_file.serial_no 
_pdbx_xplor_file.param_file 
_pdbx_xplor_file.topol_file 
'X-RAY DIFFRACTION' 1 PROTEIN_REP.PARAM PROTEIN.TOP 
'X-RAY DIFFRACTION' 2 WATER_REP.PARAM   WATER.TOP   
# 
_struct.entry_id                  1DXS 
_struct.title                     
'Crystal structure of the C-terminal sterile alpha motif (SAM) domain of human p73 alpha splice variant' 
_struct.pdbx_model_details        ? 
_struct.pdbx_CASP_flag            ? 
_struct.pdbx_model_type_details   ? 
# 
_struct_keywords.entry_id        1DXS 
_struct_keywords.pdbx_keywords   'GENE REGULATION' 
_struct_keywords.text            'P73 SAM-LIKE DOMAIN, GENE REGULATION, P53 P63 HOMOLOGUE, STERILE ALPHA MOTIF, TUMOUR SUPRESSOR' 
# 
loop_
_struct_asym.id 
_struct_asym.pdbx_blank_PDB_chainid_flag 
_struct_asym.pdbx_modified 
_struct_asym.entity_id 
_struct_asym.details 
A N N 1 ? 
B N N 2 ? 
# 
_struct_biol.id        1 
_struct_biol.details   'BIOLOGICAL_UNIT: MONOMER' 
# 
loop_
_struct_conf.conf_type_id 
_struct_conf.id 
_struct_conf.pdbx_PDB_helix_id 
_struct_conf.beg_label_comp_id 
_struct_conf.beg_label_asym_id 
_struct_conf.beg_label_seq_id 
_struct_conf.pdbx_beg_PDB_ins_code 
_struct_conf.end_label_comp_id 
_struct_conf.end_label_asym_id 
_struct_conf.end_label_seq_id 
_struct_conf.pdbx_end_PDB_ins_code 
_struct_conf.beg_auth_comp_id 
_struct_conf.beg_auth_asym_id 
_struct_conf.beg_auth_seq_id 
_struct_conf.end_auth_comp_id 
_struct_conf.end_auth_asym_id 
_struct_conf.end_auth_seq_id 
_struct_conf.pdbx_PDB_helix_class 
_struct_conf.details 
_struct_conf.pdbx_PDB_helix_length 
HELX_P HELX_P1 1 SER A 8  ? LEU A 16 ? SER A 6  LEU A 14 1 ? 9  
HELX_P HELX_P2 2 CYS A 21 ? SER A 27 ? CYS A 19 SER A 25 1 ? 7  
HELX_P HELX_P3 3 SER A 32 ? ASN A 38 ? SER A 30 ASN A 36 1 ? 7  
HELX_P HELX_P4 4 THR A 40 ? LEU A 47 ? THR A 38 LEU A 45 1 ? 8  
HELX_P HELX_P5 5 TYR A 53 ? LEU A 64 ? TYR A 51 LEU A 62 1 ? 12 
# 
_struct_conf_type.id          HELX_P 
_struct_conf_type.criteria    ? 
_struct_conf_type.reference   ? 
# 
_atom_sites.entry_id                    1DXS 
_atom_sites.fract_transf_matrix[1][1]   -0.02225910 
_atom_sites.fract_transf_matrix[1][2]   -0.00262421 
_atom_sites.fract_transf_matrix[1][3]   -0.02174762 
_atom_sites.fract_transf_matrix[2][1]   0.01834387 
_atom_sites.fract_transf_matrix[2][2]   -0.01917944 
_atom_sites.fract_transf_matrix[2][3]   -0.01646099 
_atom_sites.fract_transf_matrix[3][1]   -0.00286457 
_atom_sites.fract_transf_matrix[3][2]   -0.00586339 
_atom_sites.fract_transf_matrix[3][3]   0.00363946 
_atom_sites.fract_transf_vector[1]      0.700593 
_atom_sites.fract_transf_vector[2]      0.598874 
_atom_sites.fract_transf_vector[3]      0.184435 
# 
loop_
_atom_type.symbol 
C 
N 
O 
S 
# 
loop_
_atom_site.group_PDB 
_atom_site.id 
_atom_site.type_symbol 
_atom_site.label_atom_id 
_atom_site.label_alt_id 
_atom_site.label_comp_id 
_atom_site.label_asym_id 
_atom_site.label_entity_id 
_atom_site.label_seq_id 
_atom_site.pdbx_PDB_ins_code 
_atom_site.Cartn_x 
_atom_site.Cartn_y 
_atom_site.Cartn_z 
_atom_site.occupancy 
_atom_site.B_iso_or_equiv 
_atom_site.pdbx_formal_charge 
_atom_site.auth_seq_id 
_atom_site.auth_comp_id 
_atom_site.auth_asym_id 
_atom_site.auth_atom_id 
_atom_site.pdbx_PDB_model_num 
ATOM   1   N N   . SER A 1 8  ? -9.900  -6.372  3.546   1.00 63.01  ? 6    SER A N   1 
ATOM   2   C CA  . SER A 1 8  ? -9.067  -6.733  2.365   1.00 63.01  ? 6    SER A CA  1 
ATOM   3   C C   . SER A 1 8  ? -7.745  -5.978  2.423   1.00 63.01  ? 6    SER A C   1 
ATOM   4   O O   . SER A 1 8  ? -6.690  -6.546  2.146   1.00 63.01  ? 6    SER A O   1 
ATOM   5   C CB  . SER A 1 8  ? -9.809  -6.397  1.074   1.00 30.35  ? 6    SER A CB  1 
ATOM   6   N N   . LEU A 1 9  ? -7.807  -4.695  2.780   1.00 40.50  ? 7    LEU A N   1 
ATOM   7   C CA  . LEU A 1 9  ? -6.604  -3.877  2.897   1.00 40.50  ? 7    LEU A CA  1 
ATOM   8   C C   . LEU A 1 9  ? -5.668  -4.467  3.943   1.00 40.50  ? 7    LEU A C   1 
ATOM   9   O O   . LEU A 1 9  ? -4.460  -4.577  3.733   1.00 40.50  ? 7    LEU A O   1 
ATOM   10  C CB  . LEU A 1 9  ? -6.961  -2.456  3.319   1.00 33.03  ? 7    LEU A CB  1 
ATOM   11  C CG  . LEU A 1 9  ? -5.734  -1.581  3.560   1.00 33.03  ? 7    LEU A CG  1 
ATOM   12  C CD1 . LEU A 1 9  ? -5.053  -1.295  2.224   1.00 33.03  ? 7    LEU A CD1 1 
ATOM   13  C CD2 . LEU A 1 9  ? -6.143  -0.292  4.235   1.00 33.03  ? 7    LEU A CD2 1 
ATOM   14  N N   . VAL A 1 10 ? -6.244  -4.826  5.083   1.00 45.39  ? 8    VAL A N   1 
ATOM   15  C CA  . VAL A 1 10 ? -5.475  -5.407  6.168   1.00 45.39  ? 8    VAL A CA  1 
ATOM   16  C C   . VAL A 1 10 ? -4.883  -6.736  5.729   1.00 45.39  ? 8    VAL A C   1 
ATOM   17  O O   . VAL A 1 10 ? -3.714  -7.003  5.965   1.00 45.39  ? 8    VAL A O   1 
ATOM   18  C CB  . VAL A 1 10 ? -6.352  -5.645  7.420   1.00 32.63  ? 8    VAL A CB  1 
ATOM   19  C CG1 . VAL A 1 10 ? -5.600  -6.527  8.417   1.00 32.63  ? 8    VAL A CG1 1 
ATOM   20  C CG2 . VAL A 1 10 ? -6.710  -4.302  8.071   1.00 32.63  ? 8    VAL A CG2 1 
ATOM   21  N N   . SER A 1 11 ? -5.697  -7.566  5.089   1.00 43.12  ? 9    SER A N   1 
ATOM   22  C CA  . SER A 1 11 ? -5.231  -8.870  4.627   1.00 43.12  ? 9    SER A CA  1 
ATOM   23  C C   . SER A 1 11 ? -4.167  -8.655  3.557   1.00 43.12  ? 9    SER A C   1 
ATOM   24  O O   . SER A 1 11 ? -3.090  -9.261  3.593   1.00 43.12  ? 9    SER A O   1 
ATOM   25  C CB  . SER A 1 11 ? -6.393  -9.683  4.052   1.00 61.67  ? 9    SER A CB  1 
ATOM   26  O OG  . SER A 1 11 ? -6.982  -9.017  2.952   1.00 61.67  ? 9    SER A OG  1 
ATOM   27  N N   . PHE A 1 12 ? -4.469  -7.764  2.617   1.00 51.11  ? 10   PHE A N   1 
ATOM   28  C CA  . PHE A 1 12 ? -3.548  -7.478  1.530   1.00 51.11  ? 10   PHE A CA  1 
ATOM   29  C C   . PHE A 1 12 ? -2.115  -7.231  2.013   1.00 51.11  ? 10   PHE A C   1 
ATOM   30  O O   . PHE A 1 12 ? -1.213  -7.996  1.685   1.00 51.11  ? 10   PHE A O   1 
ATOM   31  C CB  . PHE A 1 12 ? -4.046  -6.278  0.715   1.00 61.98  ? 10   PHE A CB  1 
ATOM   32  C CG  . PHE A 1 12 ? -3.145  -5.912  -0.430  1.00 61.98  ? 10   PHE A CG  1 
ATOM   33  C CD1 . PHE A 1 12 ? -2.978  -6.777  -1.505  1.00 61.98  ? 10   PHE A CD1 1 
ATOM   34  C CD2 . PHE A 1 12 ? -2.435  -4.714  -0.418  1.00 61.98  ? 10   PHE A CD2 1 
ATOM   35  C CE1 . PHE A 1 12 ? -2.115  -6.457  -2.550  1.00 61.98  ? 10   PHE A CE1 1 
ATOM   36  C CE2 . PHE A 1 12 ? -1.566  -4.384  -1.463  1.00 61.98  ? 10   PHE A CE2 1 
ATOM   37  C CZ  . PHE A 1 12 ? -1.407  -5.260  -2.530  1.00 61.98  ? 10   PHE A CZ  1 
ATOM   38  N N   . LEU A 1 13 ? -1.903  -6.173  2.788   1.00 55.48  ? 11   LEU A N   1 
ATOM   39  C CA  . LEU A 1 13 ? -0.563  -5.865  3.270   1.00 55.48  ? 11   LEU A CA  1 
ATOM   40  C C   . LEU A 1 13 ? 0.053   -7.022  4.054   1.00 55.48  ? 11   LEU A C   1 
ATOM   41  O O   . LEU A 1 13 ? 1.267   -7.258  3.985   1.00 55.48  ? 11   LEU A O   1 
ATOM   42  C CB  . LEU A 1 13 ? -0.585  -4.589  4.124   1.00 33.84  ? 11   LEU A CB  1 
ATOM   43  C CG  . LEU A 1 13 ? -1.171  -3.368  3.392   1.00 33.84  ? 11   LEU A CG  1 
ATOM   44  C CD1 . LEU A 1 13 ? -0.873  -2.084  4.165   1.00 33.84  ? 11   LEU A CD1 1 
ATOM   45  C CD2 . LEU A 1 13 ? -0.575  -3.288  1.988   1.00 33.84  ? 11   LEU A CD2 1 
ATOM   46  N N   . THR A 1 14 ? -0.786  -7.749  4.791   1.00 49.09  ? 12   THR A N   1 
ATOM   47  C CA  . THR A 1 14 ? -0.315  -8.883  5.581   1.00 49.09  ? 12   THR A CA  1 
ATOM   48  C C   . THR A 1 14 ? 0.105   -10.072 4.702   1.00 49.09  ? 12   THR A C   1 
ATOM   49  O O   . THR A 1 14 ? 1.176   -10.642 4.897   1.00 49.09  ? 12   THR A O   1 
ATOM   50  C CB  . THR A 1 14 ? -1.395  -9.348  6.591   1.00 62.37  ? 12   THR A CB  1 
ATOM   51  O OG1 . THR A 1 14 ? -2.609  -9.645  5.897   1.00 62.37  ? 12   THR A OG1 1 
ATOM   52  C CG2 . THR A 1 14 ? -1.669  -8.266  7.620   1.00 62.37  ? 12   THR A CG2 1 
ATOM   53  N N   . GLY A 1 15 ? -0.732  -10.436 3.736   1.00 74.88  ? 13   GLY A N   1 
ATOM   54  C CA  . GLY A 1 15 ? -0.404  -11.550 2.861   1.00 74.88  ? 13   GLY A CA  1 
ATOM   55  C C   . GLY A 1 15 ? 0.734   -11.219 1.917   1.00 74.88  ? 13   GLY A C   1 
ATOM   56  O O   . GLY A 1 15 ? 1.176   -12.055 1.130   1.00 74.88  ? 13   GLY A O   1 
ATOM   57  N N   . LEU A 1 16 ? 1.205   -9.981  2.005   1.00 52.17  ? 14   LEU A N   1 
ATOM   58  C CA  . LEU A 1 16 ? 2.293   -9.470  1.182   1.00 52.17  ? 14   LEU A CA  1 
ATOM   59  C C   . LEU A 1 16 ? 3.507   -9.371  2.093   1.00 52.17  ? 14   LEU A C   1 
ATOM   60  O O   . LEU A 1 16 ? 4.623   -9.124  1.640   1.00 52.17  ? 14   LEU A O   1 
ATOM   61  C CB  . LEU A 1 16 ? 1.939   -8.073  0.670   1.00 67.43  ? 14   LEU A CB  1 
ATOM   62  C CG  . LEU A 1 16 ? 2.282   -7.649  -0.756  1.00 67.43  ? 14   LEU A CG  1 
ATOM   63  C CD1 . LEU A 1 16 ? 1.342   -8.335  -1.733  1.00 67.43  ? 14   LEU A CD1 1 
ATOM   64  C CD2 . LEU A 1 16 ? 2.140   -6.144  -0.877  1.00 67.43  ? 14   LEU A CD2 1 
ATOM   65  N N   . GLY A 1 17 ? 3.264   -9.552  3.387   1.00 50.74  ? 15   GLY A N   1 
ATOM   66  C CA  . GLY A 1 17 ? 4.325   -9.483  4.378   1.00 50.74  ? 15   GLY A CA  1 
ATOM   67  C C   . GLY A 1 17 ? 4.680   -8.095  4.902   1.00 50.74  ? 15   GLY A C   1 
ATOM   68  O O   . GLY A 1 17 ? 5.792   -7.894  5.380   1.00 50.74  ? 15   GLY A O   1 
ATOM   69  N N   . CYS A 1 18 ? 3.769   -7.126  4.828   1.00 54.88  ? 16   CYS A N   1 
ATOM   70  C CA  . CYS A 1 18 ? 4.084   -5.783  5.334   1.00 54.88  ? 16   CYS A CA  1 
ATOM   71  C C   . CYS A 1 18 ? 2.929   -5.085  6.071   1.00 54.88  ? 16   CYS A C   1 
ATOM   72  O O   . CYS A 1 18 ? 2.518   -3.983  5.711   1.00 54.88  ? 16   CYS A O   1 
ATOM   73  C CB  . CYS A 1 18 ? 4.587   -4.905  4.185   1.00 80.89  ? 16   CYS A CB  1 
ATOM   74  S SG  . CYS A 1 18 ? 3.748   -5.198  2.620   1.00 80.89  ? 16   CYS A SG  1 
ATOM   75  N N   . PRO A 1 19 ? 2.411   -5.722  7.133   1.00 46.38  ? 17   PRO A N   1 
ATOM   76  C CA  . PRO A 1 19 ? 1.308   -5.199  7.944   1.00 46.38  ? 17   PRO A CA  1 
ATOM   77  C C   . PRO A 1 19 ? 1.735   -3.930  8.666   1.00 46.38  ? 17   PRO A C   1 
ATOM   78  O O   . PRO A 1 19 ? 0.922   -3.223  9.265   1.00 46.38  ? 17   PRO A O   1 
ATOM   79  C CB  . PRO A 1 19 ? 1.030   -6.337  8.923   1.00 92.95  ? 17   PRO A CB  1 
ATOM   80  C CG  . PRO A 1 19 ? 1.537   -7.553  8.204   1.00 92.95  ? 17   PRO A CG  1 
ATOM   81  C CD  . PRO A 1 19 ? 2.809   -7.054  7.609   1.00 92.95  ? 17   PRO A CD  1 
ATOM   82  N N   . ASN A 1 20 ? 3.034   -3.670  8.614   1.00 41.57  ? 18   ASN A N   1 
ATOM   83  C CA  . ASN A 1 20 ? 3.626   -2.501  9.240   1.00 41.57  ? 18   ASN A CA  1 
ATOM   84  C C   . ASN A 1 20 ? 3.413   -1.307  8.314   1.00 41.57  ? 18   ASN A C   1 
ATOM   85  O O   . ASN A 1 20 ? 3.592   -0.148  8.698   1.00 41.57  ? 18   ASN A O   1 
ATOM   86  C CB  . ASN A 1 20 ? 5.119   -2.765  9.485   1.00 59.25  ? 18   ASN A CB  1 
ATOM   87  C CG  . ASN A 1 20 ? 5.871   -3.126  8.213   1.00 59.25  ? 18   ASN A CG  1 
ATOM   88  O OD1 . ASN A 1 20 ? 5.316   -3.728  7.292   1.00 59.25  ? 18   ASN A OD1 1 
ATOM   89  N ND2 . ASN A 1 20 ? 7.152   -2.772  8.168   1.00 59.25  ? 18   ASN A ND2 1 
ATOM   90  N N   . CYS A 1 21 ? 3.012   -1.604  7.086   1.00 44.01  ? 19   CYS A N   1 
ATOM   91  C CA  . CYS A 1 21 ? 2.755   -0.561  6.109   1.00 44.01  ? 19   CYS A CA  1 
ATOM   92  C C   . CYS A 1 21 ? 1.313   -0.102  6.197   1.00 44.01  ? 19   CYS A C   1 
ATOM   93  O O   . CYS A 1 21 ? 0.943   0.925   5.610   1.00 44.01  ? 19   CYS A O   1 
ATOM   94  C CB  . CYS A 1 21 ? 3.044   -1.072  4.690   1.00 49.25  ? 19   CYS A CB  1 
ATOM   95  S SG  . CYS A 1 21 ? 4.792   -1.294  4.336   1.00 49.25  ? 19   CYS A SG  1 
ATOM   96  N N   . ILE A 1 22 ? 0.502   -0.866  6.928   1.00 30.63  ? 20   ILE A N   1 
ATOM   97  C CA  . ILE A 1 22 ? -0.909  -0.541  7.065   1.00 30.63  ? 20   ILE A CA  1 
ATOM   98  C C   . ILE A 1 22 ? -1.151  0.870   7.567   1.00 30.63  ? 20   ILE A C   1 
ATOM   99  O O   . ILE A 1 22 ? -1.950  1.603   6.998   1.00 30.63  ? 20   ILE A O   1 
ATOM   100 C CB  . ILE A 1 22 ? -1.654  -1.536  8.005   1.00 41.24  ? 20   ILE A CB  1 
ATOM   101 C CG1 . ILE A 1 22 ? -1.891  -2.868  7.281   1.00 41.24  ? 20   ILE A CG1 1 
ATOM   102 C CG2 . ILE A 1 22 ? -3.002  -0.946  8.424   1.00 41.24  ? 20   ILE A CG2 1 
ATOM   103 C CD1 . ILE A 1 22 ? -2.442  -3.964  8.158   1.00 41.24  ? 20   ILE A CD1 1 
ATOM   104 N N   . GLU A 1 23 ? -0.457  1.253   8.627   1.00 49.64  ? 21   GLU A N   1 
ATOM   105 C CA  . GLU A 1 23 ? -0.650  2.574   9.190   1.00 49.64  ? 21   GLU A CA  1 
ATOM   106 C C   . GLU A 1 23 ? -0.517  3.697   8.174   1.00 49.64  ? 21   GLU A C   1 
ATOM   107 O O   . GLU A 1 23 ? -1.290  4.652   8.201   1.00 49.64  ? 21   GLU A O   1 
ATOM   108 C CB  . GLU A 1 23 ? 0.319   2.807   10.345  1.00 73.91  ? 21   GLU A CB  1 
ATOM   109 C CG  . GLU A 1 23 ? -0.383  2.857   11.684  1.00 73.91  ? 21   GLU A CG  1 
ATOM   110 C CD  . GLU A 1 23 ? 0.235   3.864   12.626  1.00 73.91  ? 21   GLU A CD  1 
ATOM   111 O OE1 . GLU A 1 23 ? 1.402   3.667   13.024  1.00 73.91  ? 21   GLU A OE1 1 
ATOM   112 O OE2 . GLU A 1 23 ? -0.448  4.857   12.964  1.00 73.91  ? 21   GLU A OE2 1 
ATOM   113 N N   . TYR A 1 24 ? 0.460   3.570   7.279   1.00 38.25  ? 22   TYR A N   1 
ATOM   114 C CA  . TYR A 1 24 ? 0.706   4.577   6.263   1.00 38.25  ? 22   TYR A CA  1 
ATOM   115 C C   . TYR A 1 24 ? -0.541  4.963   5.493   1.00 38.25  ? 22   TYR A C   1 
ATOM   116 O O   . TYR A 1 24 ? -0.746  6.135   5.189   1.00 38.25  ? 22   TYR A O   1 
ATOM   117 C CB  . TYR A 1 24 ? 1.770   4.090   5.284   1.00 61.61  ? 22   TYR A CB  1 
ATOM   118 C CG  . TYR A 1 24 ? 3.083   3.789   5.947   1.00 61.61  ? 22   TYR A CG  1 
ATOM   119 C CD1 . TYR A 1 24 ? 3.855   4.808   6.499   1.00 61.61  ? 22   TYR A CD1 1 
ATOM   120 C CD2 . TYR A 1 24 ? 3.534   2.477   6.078   1.00 61.61  ? 22   TYR A CD2 1 
ATOM   121 C CE1 . TYR A 1 24 ? 5.039   4.529   7.169   1.00 61.61  ? 22   TYR A CE1 1 
ATOM   122 C CE2 . TYR A 1 24 ? 4.719   2.185   6.749   1.00 61.61  ? 22   TYR A CE2 1 
ATOM   123 C CZ  . TYR A 1 24 ? 5.465   3.217   7.294   1.00 61.61  ? 22   TYR A CZ  1 
ATOM   124 O OH  . TYR A 1 24 ? 6.629   2.935   7.970   1.00 61.61  ? 22   TYR A OH  1 
ATOM   125 N N   . PHE A 1 25 ? -1.374  3.981   5.176   1.00 36.22  ? 23   PHE A N   1 
ATOM   126 C CA  . PHE A 1 25 ? -2.579  4.249   4.418   1.00 36.22  ? 23   PHE A CA  1 
ATOM   127 C C   . PHE A 1 25 ? -3.741  4.689   5.292   1.00 36.22  ? 23   PHE A C   1 
ATOM   128 O O   . PHE A 1 25 ? -4.380  5.703   5.012   1.00 36.22  ? 23   PHE A O   1 
ATOM   129 C CB  . PHE A 1 25 ? -2.981  3.018   3.618   1.00 38.69  ? 23   PHE A CB  1 
ATOM   130 C CG  . PHE A 1 25 ? -1.910  2.524   2.706   1.00 38.69  ? 23   PHE A CG  1 
ATOM   131 C CD1 . PHE A 1 25 ? -0.934  1.641   3.170   1.00 38.69  ? 23   PHE A CD1 1 
ATOM   132 C CD2 . PHE A 1 25 ? -1.836  2.980   1.392   1.00 38.69  ? 23   PHE A CD2 1 
ATOM   133 C CE1 . PHE A 1 25 ? 0.107   1.220   2.337   1.00 38.69  ? 23   PHE A CE1 1 
ATOM   134 C CE2 . PHE A 1 25 ? -0.803  2.564   0.560   1.00 38.69  ? 23   PHE A CE2 1 
ATOM   135 C CZ  . PHE A 1 25 ? 0.175   1.679   1.036   1.00 38.69  ? 23   PHE A CZ  1 
ATOM   136 N N   . THR A 1 26 ? -4.014  3.925   6.350   1.00 44.94  ? 24   THR A N   1 
ATOM   137 C CA  . THR A 1 26 ? -5.113  4.242   7.255   1.00 44.94  ? 24   THR A CA  1 
ATOM   138 C C   . THR A 1 26 ? -4.865  5.560   7.957   1.00 44.94  ? 24   THR A C   1 
ATOM   139 O O   . THR A 1 26 ? -5.780  6.159   8.494   1.00 44.94  ? 24   THR A O   1 
ATOM   140 C CB  . THR A 1 26 ? -5.318  3.141   8.328   1.00 28.62  ? 24   THR A CB  1 
ATOM   141 O OG1 . THR A 1 26 ? -4.141  3.034   9.136   1.00 28.62  ? 24   THR A OG1 1 
ATOM   142 C CG2 . THR A 1 26 ? -5.622  1.811   7.672   1.00 28.62  ? 24   THR A CG2 1 
ATOM   143 N N   . SER A 1 27 ? -3.623  6.015   7.946   1.00 47.57  ? 25   SER A N   1 
ATOM   144 C CA  . SER A 1 27 ? -3.293  7.279   8.575   1.00 47.57  ? 25   SER A CA  1 
ATOM   145 C C   . SER A 1 27 ? -3.819  8.434   7.713   1.00 47.57  ? 25   SER A C   1 
ATOM   146 O O   . SER A 1 27 ? -4.064  9.531   8.205   1.00 47.57  ? 25   SER A O   1 
ATOM   147 C CB  . SER A 1 27 ? -1.781  7.397   8.740   1.00 54.62  ? 25   SER A CB  1 
ATOM   148 O OG  . SER A 1 27 ? -1.473  8.425   9.659   1.00 54.62  ? 25   SER A OG  1 
ATOM   149 N N   . GLN A 1 28 ? -3.993  8.177   6.422   1.00 51.46  ? 26   GLN A N   1 
ATOM   150 C CA  . GLN A 1 28 ? -4.488  9.188   5.499   1.00 51.46  ? 26   GLN A CA  1 
ATOM   151 C C   . GLN A 1 28 ? -5.955  8.980   5.151   1.00 51.46  ? 26   GLN A C   1 
ATOM   152 O O   . GLN A 1 28 ? -6.515  9.712   4.331   1.00 51.46  ? 26   GLN A O   1 
ATOM   153 C CB  . GLN A 1 28 ? -3.661  9.192   4.213   1.00 37.12  ? 26   GLN A CB  1 
ATOM   154 C CG  . GLN A 1 28 ? -2.243  9.693   4.386   1.00 37.12  ? 26   GLN A CG  1 
ATOM   155 C CD  . GLN A 1 28 ? -2.187  11.112  4.907   1.00 37.12  ? 26   GLN A CD  1 
ATOM   156 O OE1 . GLN A 1 28 ? -3.107  11.905  4.690   1.00 37.12  ? 26   GLN A OE1 1 
ATOM   157 N NE2 . GLN A 1 28 ? -1.099  11.449  5.587   1.00 37.12  ? 26   GLN A NE2 1 
ATOM   158 N N   . GLY A 1 29 ? -6.581  7.986   5.772   1.00 34.01  ? 27   GLY A N   1 
ATOM   159 C CA  . GLY A 1 29 ? -7.984  7.739   5.496   1.00 34.01  ? 27   GLY A CA  1 
ATOM   160 C C   . GLY A 1 29 ? -8.189  6.749   4.372   1.00 34.01  ? 27   GLY A C   1 
ATOM   161 O O   . GLY A 1 29 ? -9.307  6.553   3.898   1.00 34.01  ? 27   GLY A O   1 
ATOM   162 N N   . LEU A 1 30 ? -7.091  6.133   3.939   1.00 44.80  ? 28   LEU A N   1 
ATOM   163 C CA  . LEU A 1 30 ? -7.122  5.136   2.878   1.00 44.80  ? 28   LEU A CA  1 
ATOM   164 C C   . LEU A 1 30 ? -7.451  3.803   3.530   1.00 44.80  ? 28   LEU A C   1 
ATOM   165 O O   . LEU A 1 30 ? -6.750  3.364   4.442   1.00 44.80  ? 28   LEU A O   1 
ATOM   166 C CB  . LEU A 1 30 ? -5.757  5.066   2.186   1.00 30.34  ? 28   LEU A CB  1 
ATOM   167 C CG  . LEU A 1 30 ? -5.268  6.387   1.581   1.00 30.34  ? 28   LEU A CG  1 
ATOM   168 C CD1 . LEU A 1 30 ? -3.848  6.263   1.078   1.00 30.34  ? 28   LEU A CD1 1 
ATOM   169 C CD2 . LEU A 1 30 ? -6.202  6.771   0.462   1.00 30.34  ? 28   LEU A CD2 1 
ATOM   170 N N   . GLN A 1 31 ? -8.522  3.172   3.064   1.00 57.36  ? 29   GLN A N   1 
ATOM   171 C CA  . GLN A 1 31 ? -8.974  1.902   3.620   1.00 57.36  ? 29   GLN A CA  1 
ATOM   172 C C   . GLN A 1 31 ? -9.555  1.002   2.533   1.00 57.36  ? 29   GLN A C   1 
ATOM   173 O O   . GLN A 1 31 ? -9.819  -0.173  2.770   1.00 57.36  ? 29   GLN A O   1 
ATOM   174 C CB  . GLN A 1 31 ? -10.027 2.176   4.703   1.00 123.66 ? 29   GLN A CB  1 
ATOM   175 C CG  . GLN A 1 31 ? -10.738 0.949   5.271   1.00 123.66 ? 29   GLN A CG  1 
ATOM   176 C CD  . GLN A 1 31 ? -9.946  0.233   6.348   1.00 123.66 ? 29   GLN A CD  1 
ATOM   177 O OE1 . GLN A 1 31 ? -8.860  -0.287  6.099   1.00 123.66 ? 29   GLN A OE1 1 
ATOM   178 N NE2 . GLN A 1 31 ? -10.497 0.197   7.557   1.00 123.66 ? 29   GLN A NE2 1 
ATOM   179 N N   . SER A 1 32 ? -9.741  1.560   1.343   1.00 82.90  ? 30   SER A N   1 
ATOM   180 C CA  . SER A 1 32 ? -10.294 0.819   0.213   1.00 82.90  ? 30   SER A CA  1 
ATOM   181 C C   . SER A 1 32 ? -9.224  0.327   -0.747  1.00 82.90  ? 30   SER A C   1 
ATOM   182 O O   . SER A 1 32 ? -8.171  0.945   -0.893  1.00 82.90  ? 30   SER A O   1 
ATOM   183 C CB  . SER A 1 32 ? -11.279 1.696   -0.563  1.00 86.40  ? 30   SER A CB  1 
ATOM   184 O OG  . SER A 1 32 ? -11.583 1.125   -1.828  1.00 86.40  ? 30   SER A OG  1 
ATOM   185 N N   . ILE A 1 33 ? -9.510  -0.784  -1.414  1.00 68.76  ? 31   ILE A N   1 
ATOM   186 C CA  . ILE A 1 33 ? -8.577  -1.346  -2.374  1.00 68.76  ? 31   ILE A CA  1 
ATOM   187 C C   . ILE A 1 33 ? -8.674  -0.630  -3.716  1.00 68.76  ? 31   ILE A C   1 
ATOM   188 O O   . ILE A 1 33 ? -7.677  -0.513  -4.427  1.00 68.76  ? 31   ILE A O   1 
ATOM   189 C CB  . ILE A 1 33 ? -8.833  -2.847  -2.581  1.00 53.81  ? 31   ILE A CB  1 
ATOM   190 C CG1 . ILE A 1 33 ? -8.367  -3.622  -1.350  1.00 53.81  ? 31   ILE A CG1 1 
ATOM   191 C CG2 . ILE A 1 33 ? -8.115  -3.332  -3.825  1.00 53.81  ? 31   ILE A CG2 1 
ATOM   192 C CD1 . ILE A 1 33 ? -6.914  -3.403  -1.020  1.00 53.81  ? 31   ILE A CD1 1 
ATOM   193 N N   . TYR A 1 34 ? -9.871  -0.159  -4.062  1.00 99.84  ? 32   TYR A N   1 
ATOM   194 C CA  . TYR A 1 34 ? -10.079 0.562   -5.319  1.00 99.84  ? 32   TYR A CA  1 
ATOM   195 C C   . TYR A 1 34 ? -9.109  1.725   -5.385  1.00 99.84  ? 32   TYR A C   1 
ATOM   196 O O   . TYR A 1 34 ? -8.171  1.739   -6.183  1.00 99.84  ? 32   TYR A O   1 
ATOM   197 C CB  . TYR A 1 34 ? -11.495 1.136   -5.400  1.00 147.19 ? 32   TYR A CB  1 
ATOM   198 C CG  . TYR A 1 34 ? -12.563 0.175   -5.855  1.00 147.19 ? 32   TYR A CG  1 
ATOM   199 C CD1 . TYR A 1 34 ? -12.917 -0.927  -5.079  1.00 147.19 ? 32   TYR A CD1 1 
ATOM   200 C CD2 . TYR A 1 34 ? -13.243 0.386   -7.053  1.00 147.19 ? 32   TYR A CD2 1 
ATOM   201 C CE1 . TYR A 1 34 ? -13.929 -1.792  -5.483  1.00 147.19 ? 32   TYR A CE1 1 
ATOM   202 C CE2 . TYR A 1 34 ? -14.253 -0.471  -7.468  1.00 147.19 ? 32   TYR A CE2 1 
ATOM   203 C CZ  . TYR A 1 34 ? -14.592 -1.558  -6.679  1.00 147.19 ? 32   TYR A CZ  1 
ATOM   204 O OH  . TYR A 1 34 ? -15.602 -2.403  -7.079  1.00 147.19 ? 32   TYR A OH  1 
ATOM   205 N N   . HIS A 1 35 ? -9.370  2.705   -4.531  1.00 92.61  ? 33   HIS A N   1 
ATOM   206 C CA  . HIS A 1 35 ? -8.566  3.910   -4.433  1.00 92.61  ? 33   HIS A CA  1 
ATOM   207 C C   . HIS A 1 35 ? -7.085  3.579   -4.394  1.00 92.61  ? 33   HIS A C   1 
ATOM   208 O O   . HIS A 1 35 ? -6.264  4.239   -5.032  1.00 92.61  ? 33   HIS A O   1 
ATOM   209 C CB  . HIS A 1 35 ? -8.953  4.676   -3.180  1.00 82.86  ? 33   HIS A CB  1 
ATOM   210 N N   . LEU A 1 36 ? -6.750  2.542   -3.641  1.00 53.57  ? 34   LEU A N   1 
ATOM   211 C CA  . LEU A 1 36 ? -5.364  2.126   -3.490  1.00 53.57  ? 34   LEU A CA  1 
ATOM   212 C C   . LEU A 1 36 ? -4.661  1.779   -4.809  1.00 53.57  ? 34   LEU A C   1 
ATOM   213 O O   . LEU A 1 36 ? -3.450  1.946   -4.929  1.00 53.57  ? 34   LEU A O   1 
ATOM   214 C CB  . LEU A 1 36 ? -5.286  0.927   -2.542  1.00 74.92  ? 34   LEU A CB  1 
ATOM   215 C CG  . LEU A 1 36 ? -4.149  1.004   -1.522  1.00 74.92  ? 34   LEU A CG  1 
ATOM   216 C CD1 . LEU A 1 36 ? -4.468  2.080   -0.496  1.00 74.92  ? 34   LEU A CD1 1 
ATOM   217 C CD2 . LEU A 1 36 ? -3.974  -0.329  -0.838  1.00 74.92  ? 34   LEU A CD2 1 
ATOM   218 N N   . GLN A 1 37 ? -5.423  1.316   -5.796  1.00 71.42  ? 35   GLN A N   1 
ATOM   219 C CA  . GLN A 1 37 ? -4.854  0.918   -7.080  1.00 71.42  ? 35   GLN A CA  1 
ATOM   220 C C   . GLN A 1 37 ? -4.352  2.039   -7.988  1.00 71.42  ? 35   GLN A C   1 
ATOM   221 O O   . GLN A 1 37 ? -3.404  1.841   -8.757  1.00 71.42  ? 35   GLN A O   1 
ATOM   222 C CB  . GLN A 1 37 ? -5.861  0.061   -7.851  1.00 102.14 ? 35   GLN A CB  1 
ATOM   223 C CG  . GLN A 1 37 ? -6.035  -1.200  -7.228  1.00 102.14 ? 35   GLN A CG  1 
ATOM   224 N N   . ASN A 1 38 ? -4.974  3.211   -7.910  1.00 68.53  ? 36   ASN A N   1 
ATOM   225 C CA  . ASN A 1 38 ? -4.558  4.317   -8.761  1.00 68.53  ? 36   ASN A CA  1 
ATOM   226 C C   . ASN A 1 38 ? -3.478  5.208   -8.153  1.00 68.53  ? 36   ASN A C   1 
ATOM   227 O O   . ASN A 1 38 ? -3.294  6.347   -8.579  1.00 68.53  ? 36   ASN A O   1 
ATOM   228 C CB  . ASN A 1 38 ? -5.771  5.154   -9.165  1.00 119.80 ? 36   ASN A CB  1 
ATOM   229 C CG  . ASN A 1 38 ? -6.633  5.539   -7.984  1.00 119.80 ? 36   ASN A CG  1 
ATOM   230 O OD1 . ASN A 1 38 ? -6.154  6.152   -7.026  1.00 119.80 ? 36   ASN A OD1 1 
ATOM   231 N ND2 . ASN A 1 38 ? -7.916  5.183   -8.045  1.00 119.80 ? 36   ASN A ND2 1 
ATOM   232 N N   . LEU A 1 39 ? -2.768  4.691   -7.153  1.00 42.79  ? 37   LEU A N   1 
ATOM   233 C CA  . LEU A 1 39 ? -1.680  5.440   -6.540  1.00 42.79  ? 37   LEU A CA  1 
ATOM   234 C C   . LEU A 1 39 ? -0.436  5.129   -7.361  1.00 42.79  ? 37   LEU A C   1 
ATOM   235 O O   . LEU A 1 39 ? -0.328  4.051   -7.951  1.00 42.79  ? 37   LEU A O   1 
ATOM   236 C CB  . LEU A 1 39 ? -1.452  5.006   -5.085  1.00 41.78  ? 37   LEU A CB  1 
ATOM   237 C CG  . LEU A 1 39 ? -2.438  5.486   -4.008  1.00 41.78  ? 37   LEU A CG  1 
ATOM   238 C CD1 . LEU A 1 39 ? -2.096  4.806   -2.681  1.00 41.78  ? 37   LEU A CD1 1 
ATOM   239 C CD2 . LEU A 1 39 ? -2.381  7.007   -3.860  1.00 41.78  ? 37   LEU A CD2 1 
ATOM   240 N N   . THR A 1 40 ? 0.504   6.069   -7.412  1.00 39.28  ? 38   THR A N   1 
ATOM   241 C CA  . THR A 1 40 ? 1.717   5.833   -8.175  1.00 39.28  ? 38   THR A CA  1 
ATOM   242 C C   . THR A 1 40 ? 2.852   5.454   -7.247  1.00 39.28  ? 38   THR A C   1 
ATOM   243 O O   . THR A 1 40 ? 2.740   5.564   -6.026  1.00 39.28  ? 38   THR A O   1 
ATOM   244 C CB  . THR A 1 40 ? 2.155   7.079   -8.976  1.00 35.02  ? 38   THR A CB  1 
ATOM   245 O OG1 . THR A 1 40 ? 2.463   8.149   -8.074  1.00 35.02  ? 38   THR A OG1 1 
ATOM   246 C CG2 . THR A 1 40 ? 1.061   7.512   -9.937  1.00 35.02  ? 38   THR A CG2 1 
ATOM   247 N N   . ILE A 1 41 ? 3.945   5.009   -7.856  1.00 42.49  ? 39   ILE A N   1 
ATOM   248 C CA  . ILE A 1 41 ? 5.136   4.637   -7.131  1.00 42.49  ? 39   ILE A CA  1 
ATOM   249 C C   . ILE A 1 41 ? 5.613   5.871   -6.356  1.00 42.49  ? 39   ILE A C   1 
ATOM   250 O O   . ILE A 1 41 ? 6.134   5.758   -5.242  1.00 42.49  ? 39   ILE A O   1 
ATOM   251 C CB  . ILE A 1 41 ? 6.230   4.142   -8.124  1.00 33.14  ? 39   ILE A CB  1 
ATOM   252 C CG1 . ILE A 1 41 ? 5.710   2.922   -8.885  1.00 33.14  ? 39   ILE A CG1 1 
ATOM   253 C CG2 . ILE A 1 41 ? 7.515   3.811   -7.389  1.00 33.14  ? 39   ILE A CG2 1 
ATOM   254 C CD1 . ILE A 1 41 ? 6.726   2.334   -9.856  1.00 33.14  ? 39   ILE A CD1 1 
ATOM   255 N N   . GLU A 1 42 ? 5.432   7.049   -6.947  1.00 32.83  ? 40   GLU A N   1 
ATOM   256 C CA  . GLU A 1 42 ? 5.820   8.286   -6.280  1.00 32.83  ? 40   GLU A CA  1 
ATOM   257 C C   . GLU A 1 42 ? 4.892   8.529   -5.084  1.00 32.83  ? 40   GLU A C   1 
ATOM   258 O O   . GLU A 1 42 ? 5.330   8.982   -4.022  1.00 32.83  ? 40   GLU A O   1 
ATOM   259 C CB  . GLU A 1 42 ? 5.743   9.467   -7.251  1.00 55.53  ? 40   GLU A CB  1 
ATOM   260 C CG  . GLU A 1 42 ? 6.119   10.809  -6.639  1.00 55.53  ? 40   GLU A CG  1 
ATOM   261 C CD  . GLU A 1 42 ? 6.088   11.942  -7.651  1.00 55.53  ? 40   GLU A CD  1 
ATOM   262 O OE1 . GLU A 1 42 ? 5.059   12.101  -8.347  1.00 55.53  ? 40   GLU A OE1 1 
ATOM   263 O OE2 . GLU A 1 42 ? 7.094   12.680  -7.750  1.00 55.53  ? 40   GLU A OE2 1 
ATOM   264 N N   . ASP A 1 43 ? 3.611   8.232   -5.265  1.00 37.60  ? 41   ASP A N   1 
ATOM   265 C CA  . ASP A 1 43 ? 2.633   8.393   -4.198  1.00 37.60  ? 41   ASP A CA  1 
ATOM   266 C C   . ASP A 1 43 ? 3.055   7.577   -2.983  1.00 37.60  ? 41   ASP A C   1 
ATOM   267 O O   . ASP A 1 43 ? 3.056   8.082   -1.867  1.00 37.60  ? 41   ASP A O   1 
ATOM   268 C CB  . ASP A 1 43 ? 1.244   7.936   -4.670  1.00 31.62  ? 41   ASP A CB  1 
ATOM   269 C CG  . ASP A 1 43 ? 0.571   8.956   -5.549  1.00 31.62  ? 41   ASP A CG  1 
ATOM   270 O OD1 . ASP A 1 43 ? 1.067   10.095  -5.588  1.00 31.62  ? 41   ASP A OD1 1 
ATOM   271 O OD2 . ASP A 1 43 ? -0.451  8.623   -6.193  1.00 31.62  ? 41   ASP A OD2 1 
ATOM   272 N N   . LEU A 1 44 ? 3.419   6.318   -3.203  1.00 36.49  ? 42   LEU A N   1 
ATOM   273 C CA  . LEU A 1 44 ? 3.840   5.450   -2.110  1.00 36.49  ? 42   LEU A CA  1 
ATOM   274 C C   . LEU A 1 44 ? 4.999   6.081   -1.360  1.00 36.49  ? 42   LEU A C   1 
ATOM   275 O O   . LEU A 1 44 ? 5.108   5.952   -0.138  1.00 36.49  ? 42   LEU A O   1 
ATOM   276 C CB  . LEU A 1 44 ? 4.241   4.069   -2.647  1.00 38.25  ? 42   LEU A CB  1 
ATOM   277 C CG  . LEU A 1 44 ? 3.041   3.376   -3.300  1.00 38.25  ? 42   LEU A CG  1 
ATOM   278 C CD1 . LEU A 1 44 ? 3.464   2.013   -3.801  1.00 38.25  ? 42   LEU A CD1 1 
ATOM   279 C CD2 . LEU A 1 44 ? 1.867   3.264   -2.274  1.00 38.25  ? 42   LEU A CD2 1 
ATOM   280 N N   . GLY A 1 45 ? 5.852   6.775   -2.108  1.00 41.19  ? 43   GLY A N   1 
ATOM   281 C CA  . GLY A 1 45 ? 6.994   7.430   -1.513  1.00 41.19  ? 43   GLY A CA  1 
ATOM   282 C C   . GLY A 1 45 ? 6.559   8.615   -0.685  1.00 41.19  ? 43   GLY A C   1 
ATOM   283 O O   . GLY A 1 45 ? 7.110   8.852   0.400   1.00 41.19  ? 43   GLY A O   1 
ATOM   284 N N   . ALA A 1 46 ? 5.579   9.365   -1.189  1.00 39.93  ? 44   ALA A N   1 
ATOM   285 C CA  . ALA A 1 46 ? 5.062   10.529  -0.467  1.00 39.93  ? 44   ALA A CA  1 
ATOM   286 C C   . ALA A 1 46 ? 4.392   10.057  0.817   1.00 39.93  ? 44   ALA A C   1 
ATOM   287 O O   . ALA A 1 46 ? 4.445   10.745  1.830   1.00 39.93  ? 44   ALA A O   1 
ATOM   288 C CB  . ALA A 1 46 ? 4.060   11.317  -1.339  1.00 13.02  ? 44   ALA A CB  1 
ATOM   289 N N   . LEU A 1 47 ? 3.772   8.880   0.768   1.00 32.40  ? 45   LEU A N   1 
ATOM   290 C CA  . LEU A 1 47 ? 3.115   8.304   1.934   1.00 32.40  ? 45   LEU A CA  1 
ATOM   291 C C   . LEU A 1 47 ? 4.143   7.743   2.915   1.00 32.40  ? 45   LEU A C   1 
ATOM   292 O O   . LEU A 1 47 ? 3.821   6.881   3.726   1.00 32.40  ? 45   LEU A O   1 
ATOM   293 C CB  . LEU A 1 47 ? 2.154   7.182   1.520   1.00 26.45  ? 45   LEU A CB  1 
ATOM   294 C CG  . LEU A 1 47 ? 0.852   7.532   0.796   1.00 26.45  ? 45   LEU A CG  1 
ATOM   295 C CD1 . LEU A 1 47 ? 0.250   6.278   0.233   1.00 26.45  ? 45   LEU A CD1 1 
ATOM   296 C CD2 . LEU A 1 47 ? -0.139  8.221   1.762   1.00 26.45  ? 45   LEU A CD2 1 
ATOM   297 N N   . LYS A 1 48 ? 5.377   8.231   2.830   1.00 68.89  ? 46   LYS A N   1 
ATOM   298 C CA  . LYS A 1 48 ? 6.465   7.804   3.709   1.00 68.89  ? 46   LYS A CA  1 
ATOM   299 C C   . LYS A 1 48 ? 6.633   6.289   3.876   1.00 68.89  ? 46   LYS A C   1 
ATOM   300 O O   . LYS A 1 48 ? 7.089   5.814   4.921   1.00 68.89  ? 46   LYS A O   1 
ATOM   301 C CB  . LYS A 1 48 ? 6.314   8.456   5.089   1.00 57.44  ? 46   LYS A CB  1 
ATOM   302 C CG  . LYS A 1 48 ? 6.658   9.948   5.137   1.00 57.44  ? 46   LYS A CG  1 
ATOM   303 C CD  . LYS A 1 48 ? 6.662   10.449  6.592   1.00 57.44  ? 46   LYS A CD  1 
ATOM   304 C CE  . LYS A 1 48 ? 7.113   11.908  6.748   1.00 57.44  ? 46   LYS A CE  1 
ATOM   305 N NZ  . LYS A 1 48 ? 6.053   12.912  6.458   1.00 57.44  ? 46   LYS A NZ  1 
ATOM   306 N N   . ILE A 1 49 ? 6.277   5.535   2.844   1.00 73.37  ? 47   ILE A N   1 
ATOM   307 C CA  . ILE A 1 49 ? 6.400   4.082   2.885   1.00 73.37  ? 47   ILE A CA  1 
ATOM   308 C C   . ILE A 1 49 ? 7.844   3.638   2.649   1.00 73.37  ? 47   ILE A C   1 
ATOM   309 O O   . ILE A 1 49 ? 8.514   4.122   1.735   1.00 73.37  ? 47   ILE A O   1 
ATOM   310 C CB  . ILE A 1 49 ? 5.513   3.427   1.819   1.00 38.13  ? 47   ILE A CB  1 
ATOM   311 C CG1 . ILE A 1 49 ? 4.041   3.707   2.135   1.00 38.13  ? 47   ILE A CG1 1 
ATOM   312 C CG2 . ILE A 1 49 ? 5.801   1.923   1.748   1.00 38.13  ? 47   ILE A CG2 1 
ATOM   313 C CD1 . ILE A 1 49 ? 3.084   3.303   1.015   1.00 38.13  ? 47   ILE A CD1 1 
ATOM   314 N N   . PRO A 1 50 ? 8.340   2.704   3.473   1.00 65.31  ? 48   PRO A N   1 
ATOM   315 C CA  . PRO A 1 50 ? 9.713   2.202   3.343   1.00 65.31  ? 48   PRO A CA  1 
ATOM   316 C C   . PRO A 1 50 ? 10.061  1.700   1.937   1.00 65.31  ? 48   PRO A C   1 
ATOM   317 O O   . PRO A 1 50 ? 9.389   0.816   1.382   1.00 65.31  ? 48   PRO A O   1 
ATOM   318 C CB  . PRO A 1 50 ? 9.769   1.104   4.396   1.00 111.10 ? 48   PRO A CB  1 
ATOM   319 C CG  . PRO A 1 50 ? 8.895   1.666   5.479   1.00 111.10 ? 48   PRO A CG  1 
ATOM   320 C CD  . PRO A 1 50 ? 7.705   2.170   4.690   1.00 111.10 ? 48   PRO A CD  1 
ATOM   321 N N   . GLU A 1 51 ? 11.127  2.273   1.379   1.00 59.98  ? 49   GLU A N   1 
ATOM   322 C CA  . GLU A 1 51 ? 11.609  1.945   0.038   1.00 59.98  ? 49   GLU A CA  1 
ATOM   323 C C   . GLU A 1 51 ? 11.665  0.443   -0.214  1.00 59.98  ? 49   GLU A C   1 
ATOM   324 O O   . GLU A 1 51 ? 11.749  -0.009  -1.355  1.00 59.98  ? 49   GLU A O   1 
ATOM   325 C CB  . GLU A 1 51 ? 13.001  2.554   -0.166  1.00 104.79 ? 49   GLU A CB  1 
ATOM   326 C CG  . GLU A 1 51 ? 13.166  3.348   -1.456  1.00 104.79 ? 49   GLU A CG  1 
ATOM   327 C CD  . GLU A 1 51 ? 12.988  2.500   -2.700  1.00 104.79 ? 49   GLU A CD  1 
ATOM   328 O OE1 . GLU A 1 51 ? 13.759  1.534   -2.880  1.00 104.79 ? 49   GLU A OE1 1 
ATOM   329 O OE2 . GLU A 1 51 ? 12.076  2.802   -3.500  1.00 104.79 ? 49   GLU A OE2 1 
ATOM   330 N N   . GLN A 1 52 ? 11.623  -0.328  0.863   1.00 64.33  ? 50   GLN A N   1 
ATOM   331 C CA  . GLN A 1 52 ? 11.674  -1.776  0.770   1.00 64.33  ? 50   GLN A CA  1 
ATOM   332 C C   . GLN A 1 52 ? 10.366  -2.428  0.325   1.00 64.33  ? 50   GLN A C   1 
ATOM   333 O O   . GLN A 1 52 ? 10.391  -3.472  -0.324  1.00 64.33  ? 50   GLN A O   1 
ATOM   334 C CB  . GLN A 1 52 ? 12.090  -2.362  2.120   1.00 77.05  ? 50   GLN A CB  1 
ATOM   335 C CG  . GLN A 1 52 ? 11.906  -3.767  2.145   1.00 77.05  ? 50   GLN A CG  1 
ATOM   336 N N   . TYR A 1 53 ? 9.224   -1.827  0.654   1.00 47.70  ? 51   TYR A N   1 
ATOM   337 C CA  . TYR A 1 53 ? 7.962   -2.445  0.271   1.00 47.70  ? 51   TYR A CA  1 
ATOM   338 C C   . TYR A 1 53 ? 7.258   -1.761  -0.871  1.00 47.70  ? 51   TYR A C   1 
ATOM   339 O O   . TYR A 1 53 ? 6.252   -2.258  -1.381  1.00 47.70  ? 51   TYR A O   1 
ATOM   340 C CB  . TYR A 1 53 ? 7.027   -2.512  1.469   1.00 54.67  ? 51   TYR A CB  1 
ATOM   341 C CG  . TYR A 1 53 ? 7.734   -2.884  2.744   1.00 54.67  ? 51   TYR A CG  1 
ATOM   342 C CD1 . TYR A 1 53 ? 7.893   -4.220  3.113   1.00 54.67  ? 51   TYR A CD1 1 
ATOM   343 C CD2 . TYR A 1 53 ? 8.275   -1.903  3.570   1.00 54.67  ? 51   TYR A CD2 1 
ATOM   344 C CE1 . TYR A 1 53 ? 8.579   -4.569  4.276   1.00 54.67  ? 51   TYR A CE1 1 
ATOM   345 C CE2 . TYR A 1 53 ? 8.958   -2.238  4.733   1.00 54.67  ? 51   TYR A CE2 1 
ATOM   346 C CZ  . TYR A 1 53 ? 9.107   -3.571  5.078   1.00 54.67  ? 51   TYR A CZ  1 
ATOM   347 O OH  . TYR A 1 53 ? 9.798   -3.899  6.219   1.00 54.67  ? 51   TYR A OH  1 
ATOM   348 N N   . ARG A 1 54 ? 7.803   -0.633  -1.295  1.00 37.62  ? 52   ARG A N   1 
ATOM   349 C CA  . ARG A 1 54 ? 7.182   0.125   -2.365  1.00 37.62  ? 52   ARG A CA  1 
ATOM   350 C C   . ARG A 1 54 ? 6.727   -0.684  -3.569  1.00 37.62  ? 52   ARG A C   1 
ATOM   351 O O   . ARG A 1 54 ? 5.518   -0.775  -3.826  1.00 37.62  ? 52   ARG A O   1 
ATOM   352 C CB  . ARG A 1 54 ? 8.105   1.269   -2.786  1.00 61.08  ? 52   ARG A CB  1 
ATOM   353 C CG  . ARG A 1 54 ? 8.431   2.178   -1.615  1.00 61.08  ? 52   ARG A CG  1 
ATOM   354 C CD  . ARG A 1 54 ? 9.013   3.504   -2.046  1.00 61.08  ? 52   ARG A CD  1 
ATOM   355 N NE  . ARG A 1 54 ? 9.486   4.247   -0.883  1.00 61.08  ? 52   ARG A NE  1 
ATOM   356 C CZ  . ARG A 1 54 ? 10.060  5.444   -0.934  1.00 61.08  ? 52   ARG A CZ  1 
ATOM   357 N NH1 . ARG A 1 54 ? 10.237  6.053   -2.105  1.00 61.08  ? 52   ARG A NH1 1 
ATOM   358 N NH2 . ARG A 1 54 ? 10.460  6.029   0.190   1.00 61.08  ? 52   ARG A NH2 1 
ATOM   359 N N   . MET A 1 55 ? 7.676   -1.281  -4.297  1.00 43.47  ? 53   MET A N   1 
ATOM   360 C CA  . MET A 1 55 ? 7.349   -2.081  -5.485  1.00 43.47  ? 53   MET A CA  1 
ATOM   361 C C   . MET A 1 55 ? 6.524   -3.295  -5.112  1.00 43.47  ? 53   MET A C   1 
ATOM   362 O O   . MET A 1 55 ? 5.615   -3.671  -5.849  1.00 43.47  ? 53   MET A O   1 
ATOM   363 C CB  . MET A 1 55 ? 8.611   -2.538  -6.217  1.00 54.58  ? 53   MET A CB  1 
ATOM   364 C CG  . MET A 1 55 ? 9.481   -1.409  -6.733  1.00 54.58  ? 53   MET A CG  1 
ATOM   365 S SD  . MET A 1 55 ? 8.557   -0.195  -7.686  1.00 54.58  ? 53   MET A SD  1 
ATOM   366 C CE  . MET A 1 55 ? 8.149   -1.132  -9.183  1.00 54.58  ? 53   MET A CE  1 
ATOM   367 N N   . THR A 1 56 ? 6.843   -3.908  -3.974  1.00 44.02  ? 54   THR A N   1 
ATOM   368 C CA  . THR A 1 56 ? 6.083   -5.067  -3.518  1.00 44.02  ? 54   THR A CA  1 
ATOM   369 C C   . THR A 1 56 ? 4.624   -4.660  -3.594  1.00 44.02  ? 54   THR A C   1 
ATOM   370 O O   . THR A 1 56 ? 3.839   -5.203  -4.385  1.00 44.02  ? 54   THR A O   1 
ATOM   371 C CB  . THR A 1 56 ? 6.380   -5.418  -2.052  1.00 60.98  ? 54   THR A CB  1 
ATOM   372 O OG1 . THR A 1 56 ? 7.784   -5.628  -1.869  1.00 60.98  ? 54   THR A OG1 1 
ATOM   373 C CG2 . THR A 1 56 ? 5.629   -6.679  -1.662  1.00 60.98  ? 54   THR A CG2 1 
ATOM   374 N N   . ILE A 1 57 ? 4.280   -3.683  -2.760  1.00 40.17  ? 55   ILE A N   1 
ATOM   375 C CA  . ILE A 1 57 ? 2.930   -3.137  -2.703  1.00 40.17  ? 55   ILE A CA  1 
ATOM   376 C C   . ILE A 1 57 ? 2.460   -2.680  -4.094  1.00 40.17  ? 55   ILE A C   1 
ATOM   377 O O   . ILE A 1 57 ? 1.413   -3.131  -4.589  1.00 40.17  ? 55   ILE A O   1 
ATOM   378 C CB  . ILE A 1 57 ? 2.862   -1.912  -1.723  1.00 26.14  ? 55   ILE A CB  1 
ATOM   379 C CG1 . ILE A 1 57 ? 3.210   -2.361  -0.302  1.00 26.14  ? 55   ILE A CG1 1 
ATOM   380 C CG2 . ILE A 1 57 ? 1.485   -1.255  -1.790  1.00 26.14  ? 55   ILE A CG2 1 
ATOM   381 C CD1 . ILE A 1 57 ? 3.338   -1.255  0.672   1.00 26.14  ? 55   ILE A CD1 1 
ATOM   382 N N   . TRP A 1 58 ? 3.241   -1.804  -4.728  1.00 30.07  ? 56   TRP A N   1 
ATOM   383 C CA  . TRP A 1 58 ? 2.847   -1.288  -6.030  1.00 30.07  ? 56   TRP A CA  1 
ATOM   384 C C   . TRP A 1 58 ? 2.534   -2.412  -6.989  1.00 30.07  ? 56   TRP A C   1 
ATOM   385 O O   . TRP A 1 58 ? 1.471   -2.439  -7.615  1.00 30.07  ? 56   TRP A O   1 
ATOM   386 C CB  . TRP A 1 58 ? 3.935   -0.390  -6.633  1.00 55.16  ? 56   TRP A CB  1 
ATOM   387 C CG  . TRP A 1 58 ? 3.501   0.231   -7.942  1.00 55.16  ? 56   TRP A CG  1 
ATOM   388 C CD1 . TRP A 1 58 ? 2.615   1.262   -8.112  1.00 55.16  ? 56   TRP A CD1 1 
ATOM   389 C CD2 . TRP A 1 58 ? 3.858   -0.205  -9.260  1.00 55.16  ? 56   TRP A CD2 1 
ATOM   390 N NE1 . TRP A 1 58 ? 2.393   1.489   -9.451  1.00 55.16  ? 56   TRP A NE1 1 
ATOM   391 C CE2 . TRP A 1 58 ? 3.145   0.602   -10.178 1.00 55.16  ? 56   TRP A CE2 1 
ATOM   392 C CE3 . TRP A 1 58 ? 4.711   -1.202  -9.757  1.00 55.16  ? 56   TRP A CE3 1 
ATOM   393 C CZ2 . TRP A 1 58 ? 3.259   0.439   -11.565 1.00 55.16  ? 56   TRP A CZ2 1 
ATOM   394 C CZ3 . TRP A 1 58 ? 4.821   -1.359  -11.134 1.00 55.16  ? 56   TRP A CZ3 1 
ATOM   395 C CH2 . TRP A 1 58 ? 4.098   -0.543  -12.019 1.00 55.16  ? 56   TRP A CH2 1 
ATOM   396 N N   . ARG A 1 59 ? 3.474   -3.339  -7.113  1.00 44.86  ? 57   ARG A N   1 
ATOM   397 C CA  . ARG A 1 59 ? 3.300   -4.471  -8.001  1.00 44.86  ? 57   ARG A CA  1 
ATOM   398 C C   . ARG A 1 59 ? 1.981   -5.150  -7.614  1.00 44.86  ? 57   ARG A C   1 
ATOM   399 O O   . ARG A 1 59 ? 1.088   -5.312  -8.448  1.00 44.86  ? 57   ARG A O   1 
ATOM   400 C CB  . ARG A 1 59 ? 4.504   -5.418  -7.848  1.00 103.93 ? 57   ARG A CB  1 
ATOM   401 C CG  . ARG A 1 59 ? 4.616   -6.538  -8.882  1.00 103.93 ? 57   ARG A CG  1 
ATOM   402 C CD  . ARG A 1 59 ? 4.422   -6.008  -10.293 1.00 103.93 ? 57   ARG A CD  1 
ATOM   403 N NE  . ARG A 1 59 ? 4.490   -7.039  -11.333 1.00 103.93 ? 57   ARG A NE  1 
ATOM   404 C CZ  . ARG A 1 59 ? 3.875   -8.225  -11.284 1.00 103.93 ? 57   ARG A CZ  1 
ATOM   405 N NH1 . ARG A 1 59 ? 3.155   -8.578  -10.219 1.00 103.93 ? 57   ARG A NH1 1 
ATOM   406 N NH2 . ARG A 1 59 ? 4.002   -9.075  -12.299 1.00 103.93 ? 57   ARG A NH2 1 
ATOM   407 N N   . GLY A 1 60 ? 1.856   -5.500  -6.332  1.00 61.72  ? 58   GLY A N   1 
ATOM   408 C CA  . GLY A 1 60 ? 0.650   -6.147  -5.836  1.00 61.72  ? 58   GLY A CA  1 
ATOM   409 C C   . GLY A 1 60 ? -0.654  -5.443  -6.189  1.00 61.72  ? 58   GLY A C   1 
ATOM   410 O O   . GLY A 1 60 ? -1.637  -6.088  -6.580  1.00 61.72  ? 58   GLY A O   1 
ATOM   411 N N   . LEU A 1 61 ? -0.682  -4.121  -6.043  1.00 48.00  ? 59   LEU A N   1 
ATOM   412 C CA  . LEU A 1 61 ? -1.886  -3.371  -6.364  1.00 48.00  ? 59   LEU A CA  1 
ATOM   413 C C   . LEU A 1 61 ? -2.166  -3.394  -7.865  1.00 48.00  ? 59   LEU A C   1 
ATOM   414 O O   . LEU A 1 61 ? -3.317  -3.291  -8.292  1.00 48.00  ? 59   LEU A O   1 
ATOM   415 C CB  . LEU A 1 61 ? -1.759  -1.930  -5.872  1.00 67.96  ? 59   LEU A CB  1 
ATOM   416 C CG  . LEU A 1 61 ? -1.726  -1.765  -4.354  1.00 67.96  ? 59   LEU A CG  1 
ATOM   417 C CD1 . LEU A 1 61 ? -1.376  -0.335  -4.005  1.00 67.96  ? 59   LEU A CD1 1 
ATOM   418 C CD2 . LEU A 1 61 ? -3.076  -2.168  -3.764  1.00 67.96  ? 59   LEU A CD2 1 
ATOM   419 N N   . GLN A 1 62 ? -1.118  -3.519  -8.673  1.00 70.47  ? 60   GLN A N   1 
ATOM   420 C CA  . GLN A 1 62 ? -1.306  -3.575  -10.117 1.00 70.47  ? 60   GLN A CA  1 
ATOM   421 C C   . GLN A 1 62 ? -2.083  -4.843  -10.424 1.00 70.47  ? 60   GLN A C   1 
ATOM   422 O O   . GLN A 1 62 ? -2.997  -4.844  -11.248 1.00 70.47  ? 60   GLN A O   1 
ATOM   423 C CB  . GLN A 1 62 ? 0.042   -3.608  -10.840 1.00 76.20  ? 60   GLN A CB  1 
ATOM   424 C CG  . GLN A 1 62 ? 0.279   -2.402  -11.719 1.00 76.20  ? 60   GLN A CG  1 
ATOM   425 C CD  . GLN A 1 62 ? -0.113  -1.108  -11.023 1.00 76.20  ? 60   GLN A CD  1 
ATOM   426 O OE1 . GLN A 1 62 ? 0.436   -0.835  -9.930  1.00 76.20  ? 60   GLN A OE1 1 
ATOM   427 N NE2 . GLN A 1 62 ? -0.969  -0.372  -11.564 1.00 76.20  ? 60   GLN A NE2 1 
ATOM   428 N N   . ASP A 1 63 ? -1.716  -5.922  -9.740  1.00 82.18  ? 61   ASP A N   1 
ATOM   429 C CA  . ASP A 1 63 ? -2.375  -7.206  -9.926  1.00 82.18  ? 61   ASP A CA  1 
ATOM   430 C C   . ASP A 1 63 ? -3.880  -7.084  -9.713  1.00 82.18  ? 61   ASP A C   1 
ATOM   431 O O   . ASP A 1 63 ? -4.655  -7.866  -10.253 1.00 82.18  ? 61   ASP A O   1 
ATOM   432 C CB  . ASP A 1 63 ? -1.776  -8.244  -8.974  1.00 69.67  ? 61   ASP A CB  1 
ATOM   433 C CG  . ASP A 1 63 ? -0.273  -8.409  -9.163  1.00 69.67  ? 61   ASP A CG  1 
ATOM   434 O OD1 . ASP A 1 63 ? 0.162   -8.491  -10.327 1.00 69.67  ? 61   ASP A OD1 1 
ATOM   435 O OD2 . ASP A 1 63 ? 0.472   -8.467  -8.160  1.00 69.67  ? 61   ASP A OD2 1 
ATOM   436 N N   . LEU A 1 64 ? -4.295  -6.097  -8.928  1.00 132.92 ? 62   LEU A N   1 
ATOM   437 C CA  . LEU A 1 64 ? -5.715  -5.886  -8.689  1.00 132.92 ? 62   LEU A CA  1 
ATOM   438 C C   . LEU A 1 64 ? -6.125  -4.572  -9.347  1.00 132.92 ? 62   LEU A C   1 
ATOM   439 O O   . LEU A 1 64 ? -6.630  -3.680  -8.633  1.00 132.92 ? 62   LEU A O   1 
ATOM   440 C CB  . LEU A 1 64 ? -6.012  -5.837  -7.186  1.00 91.51  ? 62   LEU A CB  1 
ATOM   441 C CG  . LEU A 1 64 ? -5.466  -4.676  -6.585  1.00 91.51  ? 62   LEU A CG  1 
HETATM 442 O O   . HOH B 2 .  ? -9.676  -3.264  6.155   1.00 80.52  ? 3001 HOH A O   1 
HETATM 443 O O   . HOH B 2 .  ? -1.678  9.858   -8.497  1.00 49.42  ? 3002 HOH A O   1 
HETATM 444 O O   . HOH B 2 .  ? 3.172   10.637  -8.879  1.00 58.98  ? 3003 HOH A O   1 
HETATM 445 O O   . HOH B 2 .  ? 4.055   -7.729  -4.455  1.00 57.73  ? 3004 HOH A O   1 
HETATM 446 O O   . HOH B 2 .  ? 7.331   10.903  -3.521  1.00 73.34  ? 3005 HOH A O   1 
HETATM 447 O O   . HOH B 2 .  ? -11.313 -2.513  4.408   1.00 68.72  ? 3006 HOH A O   1 
HETATM 448 O O   . HOH B 2 .  ? -3.747  -0.789  -11.835 1.00 53.75  ? 3007 HOH A O   1 
HETATM 449 O O   . HOH B 2 .  ? 12.731  4.301   2.941   1.00 71.21  ? 3008 HOH A O   1 
HETATM 450 O O   . HOH B 2 .  ? -15.302 2.005   -0.729  1.00 75.12  ? 3009 HOH A O   1 
HETATM 451 O O   . HOH B 2 .  ? -0.266  -14.503 1.410   1.00 67.86  ? 3010 HOH A O   1 
HETATM 452 O O   . HOH B 2 .  ? 5.496   -9.273  9.534   1.00 62.02  ? 3011 HOH A O   1 
HETATM 453 O O   . HOH B 2 .  ? 13.526  6.542   -1.466  1.00 47.48  ? 3012 HOH A O   1 
HETATM 454 O O   . HOH B 2 .  ? -1.047  12.225  -8.522  1.00 54.35  ? 3013 HOH A O   1 
HETATM 455 O O   . HOH B 2 .  ? 7.812   -5.859  -7.691  1.00 55.46  ? 3014 HOH A O   1 
HETATM 456 O O   . HOH B 2 .  ? 2.588   3.520   15.841  1.00 65.66  ? 3015 HOH A O   1 
HETATM 457 O O   . HOH B 2 .  ? 10.399  -1.343  -3.812  1.00 70.93  ? 3016 HOH A O   1 
HETATM 458 O O   . HOH B 2 .  ? 11.439  8.343   1.831   1.00 55.13  ? 3017 HOH A O   1 
HETATM 459 O O   . HOH B 2 .  ? -11.271 -3.422  -4.635  1.00 70.92  ? 3018 HOH A O   1 
HETATM 460 O O   . HOH B 2 .  ? -13.632 0.893   8.725   0.50 59.93  ? 3019 HOH A O   1 
HETATM 461 O O   . HOH B 2 .  ? 16.190  -4.985  -0.387  1.00 59.70  ? 3020 HOH A O   1 
HETATM 462 O O   . HOH B 2 .  ? -8.995  -0.998  9.329   0.50 65.08  ? 3021 HOH A O   1 
HETATM 463 O O   . HOH B 2 .  ? 3.499   12.068  7.070   1.00 74.45  ? 3022 HOH A O   1 
HETATM 464 O O   . HOH B 2 .  ? 11.288  8.942   -2.149  1.00 61.48  ? 3023 HOH A O   1 
HETATM 465 O O   . HOH B 2 .  ? -6.774  -14.211 3.847   1.00 80.59  ? 3024 HOH A O   1 
HETATM 466 O O   . HOH B 2 .  ? -6.392  -5.980  -13.208 1.00 62.56  ? 3025 HOH A O   1 
HETATM 467 O O   . HOH B 2 .  ? -11.877 -9.741  0.090   1.00 60.60  ? 3026 HOH A O   1 
# 
loop_
_pdbx_poly_seq_scheme.asym_id 
_pdbx_poly_seq_scheme.entity_id 
_pdbx_poly_seq_scheme.seq_id 
_pdbx_poly_seq_scheme.mon_id 
_pdbx_poly_seq_scheme.ndb_seq_num 
_pdbx_poly_seq_scheme.pdb_seq_num 
_pdbx_poly_seq_scheme.auth_seq_num 
_pdbx_poly_seq_scheme.pdb_mon_id 
_pdbx_poly_seq_scheme.auth_mon_id 
_pdbx_poly_seq_scheme.pdb_strand_id 
_pdbx_poly_seq_scheme.pdb_ins_code 
_pdbx_poly_seq_scheme.hetero 
A 1 1  GLY 1  -2 ?  ?   ?   A . n 
A 1 2  SER 2  -1 ?  ?   ?   A . n 
A 1 3  TYR 3  1  ?  ?   ?   A . n 
A 1 4  HIS 4  2  ?  ?   ?   A . n 
A 1 5  ALA 5  3  ?  ?   ?   A . n 
A 1 6  ASP 6  4  ?  ?   ?   A . n 
A 1 7  PRO 7  5  ?  ?   ?   A . n 
A 1 8  SER 8  6  6  SER SER A . n 
A 1 9  LEU 9  7  7  LEU LEU A . n 
A 1 10 VAL 10 8  8  VAL VAL A . n 
A 1 11 SER 11 9  9  SER SER A . n 
A 1 12 PHE 12 10 10 PHE PHE A . n 
A 1 13 LEU 13 11 11 LEU LEU A . n 
A 1 14 THR 14 12 12 THR THR A . n 
A 1 15 GLY 15 13 13 GLY GLY A . n 
A 1 16 LEU 16 14 14 LEU LEU A . n 
A 1 17 GLY 17 15 15 GLY GLY A . n 
A 1 18 CYS 18 16 16 CYS CYS A . n 
A 1 19 PRO 19 17 17 PRO PRO A . n 
A 1 20 ASN 20 18 18 ASN ASN A . n 
A 1 21 CYS 21 19 19 CYS CYS A . n 
A 1 22 ILE 22 20 20 ILE ILE A . n 
A 1 23 GLU 23 21 21 GLU GLU A . n 
A 1 24 TYR 24 22 22 TYR TYR A . n 
A 1 25 PHE 25 23 23 PHE PHE A . n 
A 1 26 THR 26 24 24 THR THR A . n 
A 1 27 SER 27 25 25 SER SER A . n 
A 1 28 GLN 28 26 26 GLN GLN A . n 
A 1 29 GLY 29 27 27 GLY GLY A . n 
A 1 30 LEU 30 28 28 LEU LEU A . n 
A 1 31 GLN 31 29 29 GLN GLN A . n 
A 1 32 SER 32 30 30 SER SER A . n 
A 1 33 ILE 33 31 31 ILE ILE A . n 
A 1 34 TYR 34 32 32 TYR TYR A . n 
A 1 35 HIS 35 33 33 HIS HIS A . n 
A 1 36 LEU 36 34 34 LEU LEU A . n 
A 1 37 GLN 37 35 35 GLN GLN A . n 
A 1 38 ASN 38 36 36 ASN ASN A . n 
A 1 39 LEU 39 37 37 LEU LEU A . n 
A 1 40 THR 40 38 38 THR THR A . n 
A 1 41 ILE 41 39 39 ILE ILE A . n 
A 1 42 GLU 42 40 40 GLU GLU A . n 
A 1 43 ASP 43 41 41 ASP ASP A . n 
A 1 44 LEU 44 42 42 LEU LEU A . n 
A 1 45 GLY 45 43 43 GLY GLY A . n 
A 1 46 ALA 46 44 44 ALA ALA A . n 
A 1 47 LEU 47 45 45 LEU LEU A . n 
A 1 48 LYS 48 46 46 LYS LYS A . n 
A 1 49 ILE 49 47 47 ILE ILE A . n 
A 1 50 PRO 50 48 48 PRO PRO A . n 
A 1 51 GLU 51 49 49 GLU GLU A . n 
A 1 52 GLN 52 50 50 GLN GLN A . n 
A 1 53 TYR 53 51 51 TYR TYR A . n 
A 1 54 ARG 54 52 52 ARG ARG A . n 
A 1 55 MET 55 53 53 MET MET A . n 
A 1 56 THR 56 54 54 THR THR A . n 
A 1 57 ILE 57 55 55 ILE ILE A . n 
A 1 58 TRP 58 56 56 TRP TRP A . n 
A 1 59 ARG 59 57 57 ARG ARG A . n 
A 1 60 GLY 60 58 58 GLY GLY A . n 
A 1 61 LEU 61 59 59 LEU LEU A . n 
A 1 62 GLN 62 60 60 GLN GLN A . n 
A 1 63 ASP 63 61 61 ASP ASP A . n 
A 1 64 LEU 64 62 62 LEU LEU A . n 
A 1 65 LYS 65 63 ?  ?   ?   A . n 
A 1 66 GLN 66 64 ?  ?   ?   A . n 
A 1 67 GLY 67 65 ?  ?   ?   A . n 
A 1 68 HIS 68 66 ?  ?   ?   A . n 
A 1 69 ASP 69 67 ?  ?   ?   A . n 
A 1 70 TYR 70 68 ?  ?   ?   A . n 
A 1 71 SER 71 69 ?  ?   ?   A . n 
A 1 72 THR 72 70 ?  ?   ?   A . n 
A 1 73 ALA 73 71 ?  ?   ?   A . n 
A 1 74 GLN 74 72 ?  ?   ?   A . n 
A 1 75 GLN 75 73 ?  ?   ?   A . n 
A 1 76 LEU 76 74 ?  ?   ?   A . n 
A 1 77 LEU 77 75 ?  ?   ?   A . n 
A 1 78 ARG 78 76 ?  ?   ?   A . n 
A 1 79 SER 79 77 ?  ?   ?   A . n 
A 1 80 SER 80 78 ?  ?   ?   A . n 
# 
loop_
_pdbx_nonpoly_scheme.asym_id 
_pdbx_nonpoly_scheme.entity_id 
_pdbx_nonpoly_scheme.mon_id 
_pdbx_nonpoly_scheme.ndb_seq_num 
_pdbx_nonpoly_scheme.pdb_seq_num 
_pdbx_nonpoly_scheme.auth_seq_num 
_pdbx_nonpoly_scheme.pdb_mon_id 
_pdbx_nonpoly_scheme.auth_mon_id 
_pdbx_nonpoly_scheme.pdb_strand_id 
_pdbx_nonpoly_scheme.pdb_ins_code 
B 2 HOH 1  3001 3001 HOH HOH A . 
B 2 HOH 2  3002 3002 HOH HOH A . 
B 2 HOH 3  3003 3003 HOH HOH A . 
B 2 HOH 4  3004 3004 HOH HOH A . 
B 2 HOH 5  3005 3005 HOH HOH A . 
B 2 HOH 6  3006 3006 HOH HOH A . 
B 2 HOH 7  3007 3007 HOH HOH A . 
B 2 HOH 8  3008 3008 HOH HOH A . 
B 2 HOH 9  3009 3009 HOH HOH A . 
B 2 HOH 10 3010 3010 HOH HOH A . 
B 2 HOH 11 3011 3011 HOH HOH A . 
B 2 HOH 12 3012 3012 HOH HOH A . 
B 2 HOH 13 3013 3013 HOH HOH A . 
B 2 HOH 14 3014 3014 HOH HOH A . 
B 2 HOH 15 3015 3015 HOH HOH A . 
B 2 HOH 16 3016 3016 HOH HOH A . 
B 2 HOH 17 3017 3017 HOH HOH A . 
B 2 HOH 18 3018 3018 HOH HOH A . 
B 2 HOH 19 3019 3019 HOH HOH A . 
B 2 HOH 20 3020 3020 HOH HOH A . 
B 2 HOH 21 3021 3021 HOH HOH A . 
B 2 HOH 22 3022 3022 HOH HOH A . 
B 2 HOH 23 3023 3023 HOH HOH A . 
B 2 HOH 24 3024 3024 HOH HOH A . 
B 2 HOH 25 3025 3025 HOH HOH A . 
B 2 HOH 26 3026 3026 HOH HOH A . 
# 
_pdbx_struct_assembly.id                   1 
_pdbx_struct_assembly.details              software_defined_assembly 
_pdbx_struct_assembly.method_details       PQS 
_pdbx_struct_assembly.oligomeric_details   monomeric 
_pdbx_struct_assembly.oligomeric_count     1 
# 
_pdbx_struct_assembly_gen.assembly_id       1 
_pdbx_struct_assembly_gen.oper_expression   1 
_pdbx_struct_assembly_gen.asym_id_list      A,B 
# 
_pdbx_struct_oper_list.id                   1 
_pdbx_struct_oper_list.type                 'identity operation' 
_pdbx_struct_oper_list.name                 1_555 
_pdbx_struct_oper_list.symmetry_operation   x,y,z 
_pdbx_struct_oper_list.matrix[1][1]         1.0000000000 
_pdbx_struct_oper_list.matrix[1][2]         0.0000000000 
_pdbx_struct_oper_list.matrix[1][3]         0.0000000000 
_pdbx_struct_oper_list.vector[1]            0.0000000000 
_pdbx_struct_oper_list.matrix[2][1]         0.0000000000 
_pdbx_struct_oper_list.matrix[2][2]         1.0000000000 
_pdbx_struct_oper_list.matrix[2][3]         0.0000000000 
_pdbx_struct_oper_list.vector[2]            0.0000000000 
_pdbx_struct_oper_list.matrix[3][1]         0.0000000000 
_pdbx_struct_oper_list.matrix[3][2]         0.0000000000 
_pdbx_struct_oper_list.matrix[3][3]         1.0000000000 
_pdbx_struct_oper_list.vector[3]            0.0000000000 
# 
loop_
_pdbx_struct_special_symmetry.id 
_pdbx_struct_special_symmetry.PDB_model_num 
_pdbx_struct_special_symmetry.auth_asym_id 
_pdbx_struct_special_symmetry.auth_comp_id 
_pdbx_struct_special_symmetry.auth_seq_id 
_pdbx_struct_special_symmetry.PDB_ins_code 
_pdbx_struct_special_symmetry.label_asym_id 
_pdbx_struct_special_symmetry.label_comp_id 
_pdbx_struct_special_symmetry.label_seq_id 
1 1 A HOH 3019 ? B HOH . 
2 1 A HOH 3021 ? B HOH . 
# 
loop_
_pdbx_audit_revision_history.ordinal 
_pdbx_audit_revision_history.data_content_type 
_pdbx_audit_revision_history.major_revision 
_pdbx_audit_revision_history.minor_revision 
_pdbx_audit_revision_history.revision_date 
1 'Structure model' 1 0 2001-01-12 
2 'Structure model' 1 1 2011-05-07 
3 'Structure model' 1 2 2011-07-13 
4 'Structure model' 1 3 2017-07-05 
5 'Structure model' 1 4 2018-01-24 
6 'Structure model' 1 5 2019-02-06 
7 'Structure model' 1 6 2023-12-06 
# 
_pdbx_audit_revision_details.ordinal             1 
_pdbx_audit_revision_details.revision_ordinal    1 
_pdbx_audit_revision_details.data_content_type   'Structure model' 
_pdbx_audit_revision_details.provider            repository 
_pdbx_audit_revision_details.type                'Initial release' 
_pdbx_audit_revision_details.description         ? 
_pdbx_audit_revision_details.details             ? 
# 
loop_
_pdbx_audit_revision_group.ordinal 
_pdbx_audit_revision_group.revision_ordinal 
_pdbx_audit_revision_group.data_content_type 
_pdbx_audit_revision_group.group 
1 2 'Structure model' 'Version format compliance' 
2 3 'Structure model' 'Version format compliance' 
3 4 'Structure model' 'Data collection'           
4 5 'Structure model' 'Source and taxonomy'       
5 6 'Structure model' 'Data collection'           
6 6 'Structure model' 'Experimental preparation'  
7 7 'Structure model' 'Data collection'           
8 7 'Structure model' 'Database references'       
9 7 'Structure model' 'Refinement description'    
# 
loop_
_pdbx_audit_revision_category.ordinal 
_pdbx_audit_revision_category.revision_ordinal 
_pdbx_audit_revision_category.data_content_type 
_pdbx_audit_revision_category.category 
1 4 'Structure model' diffrn_source                 
2 5 'Structure model' entity_src_gen                
3 6 'Structure model' exptl_crystal_grow            
4 7 'Structure model' chem_comp_atom                
5 7 'Structure model' chem_comp_bond                
6 7 'Structure model' database_2                    
7 7 'Structure model' pdbx_initial_refinement_model 
# 
loop_
_pdbx_audit_revision_item.ordinal 
_pdbx_audit_revision_item.revision_ordinal 
_pdbx_audit_revision_item.data_content_type 
_pdbx_audit_revision_item.item 
1 4 'Structure model' '_diffrn_source.type'                            
2 5 'Structure model' '_entity_src_gen.pdbx_host_org_ncbi_taxonomy_id' 
3 5 'Structure model' '_entity_src_gen.pdbx_host_org_scientific_name'  
4 5 'Structure model' '_entity_src_gen.pdbx_host_org_strain'           
5 5 'Structure model' '_entity_src_gen.pdbx_host_org_variant'          
6 6 'Structure model' '_exptl_crystal_grow.method'                     
7 6 'Structure model' '_exptl_crystal_grow.temp'                       
8 7 'Structure model' '_database_2.pdbx_DOI'                           
9 7 'Structure model' '_database_2.pdbx_database_accession'            
# 
loop_
_software.name 
_software.classification 
_software.version 
_software.citation_id 
_software.pdbx_ordinal 
_software.date 
_software.type 
_software.location 
_software.language 
CNS     refinement       0.9 ? 1 ? ? ? ? 
iMOSFLM 'data reduction' .   ? 2 ? ? ? ? 
SCALA   'data scaling'   .   ? 3 ? ? ? ? 
AMoRE   phasing          .   ? 4 ? ? ? ? 
# 
_pdbx_entry_details.entry_id                 1DXS 
_pdbx_entry_details.compound_details         ? 
_pdbx_entry_details.source_details           ? 
_pdbx_entry_details.nonpolymer_details       ? 
_pdbx_entry_details.sequence_details         'RESIDUES GLY-SER (-2 TO -1) CLONING ARTIFACT' 
_pdbx_entry_details.has_ligand_of_interest   ? 
# 
loop_
_pdbx_validate_torsion.id 
_pdbx_validate_torsion.PDB_model_num 
_pdbx_validate_torsion.auth_comp_id 
_pdbx_validate_torsion.auth_asym_id 
_pdbx_validate_torsion.auth_seq_id 
_pdbx_validate_torsion.PDB_ins_code 
_pdbx_validate_torsion.label_alt_id 
_pdbx_validate_torsion.phi 
_pdbx_validate_torsion.psi 
1 1 CYS A 16 ? ? -140.60 57.53  
2 1 GLN A 29 ? ? -144.87 -9.56  
3 1 TYR A 32 ? ? -54.87  -70.01 
4 1 LEU A 45 ? ? -75.32  22.02  
5 1 GLU A 49 ? ? -45.76  -16.97 
# 
_pdbx_distant_solvent_atoms.id                                1 
_pdbx_distant_solvent_atoms.PDB_model_num                     1 
_pdbx_distant_solvent_atoms.auth_atom_id                      O 
_pdbx_distant_solvent_atoms.label_alt_id                      ? 
_pdbx_distant_solvent_atoms.auth_asym_id                      A 
_pdbx_distant_solvent_atoms.auth_comp_id                      HOH 
_pdbx_distant_solvent_atoms.auth_seq_id                       3020 
_pdbx_distant_solvent_atoms.PDB_ins_code                      ? 
_pdbx_distant_solvent_atoms.neighbor_macromolecule_distance   5.99 
_pdbx_distant_solvent_atoms.neighbor_ligand_distance          . 
# 
loop_
_pdbx_unobs_or_zero_occ_atoms.id 
_pdbx_unobs_or_zero_occ_atoms.PDB_model_num 
_pdbx_unobs_or_zero_occ_atoms.polymer_flag 
_pdbx_unobs_or_zero_occ_atoms.occupancy_flag 
_pdbx_unobs_or_zero_occ_atoms.auth_asym_id 
_pdbx_unobs_or_zero_occ_atoms.auth_comp_id 
_pdbx_unobs_or_zero_occ_atoms.auth_seq_id 
_pdbx_unobs_or_zero_occ_atoms.PDB_ins_code 
_pdbx_unobs_or_zero_occ_atoms.auth_atom_id 
_pdbx_unobs_or_zero_occ_atoms.label_alt_id 
_pdbx_unobs_or_zero_occ_atoms.label_asym_id 
_pdbx_unobs_or_zero_occ_atoms.label_comp_id 
_pdbx_unobs_or_zero_occ_atoms.label_seq_id 
_pdbx_unobs_or_zero_occ_atoms.label_atom_id 
1  1 Y 1 A SER 6  ? OG  ? A SER 8  OG  
2  1 Y 1 A HIS 33 ? CG  ? A HIS 35 CG  
3  1 Y 1 A HIS 33 ? ND1 ? A HIS 35 ND1 
4  1 Y 1 A HIS 33 ? CD2 ? A HIS 35 CD2 
5  1 Y 1 A HIS 33 ? CE1 ? A HIS 35 CE1 
6  1 Y 1 A HIS 33 ? NE2 ? A HIS 35 NE2 
7  1 Y 1 A GLN 35 ? CD  ? A GLN 37 CD  
8  1 Y 1 A GLN 35 ? OE1 ? A GLN 37 OE1 
9  1 Y 1 A GLN 35 ? NE2 ? A GLN 37 NE2 
10 1 Y 1 A GLN 50 ? CD  ? A GLN 52 CD  
11 1 Y 1 A GLN 50 ? OE1 ? A GLN 52 OE1 
12 1 Y 1 A GLN 50 ? NE2 ? A GLN 52 NE2 
13 1 Y 1 A LEU 62 ? CD1 ? A LEU 64 CD1 
14 1 Y 1 A LEU 62 ? CD2 ? A LEU 64 CD2 
# 
loop_
_pdbx_unobs_or_zero_occ_residues.id 
_pdbx_unobs_or_zero_occ_residues.PDB_model_num 
_pdbx_unobs_or_zero_occ_residues.polymer_flag 
_pdbx_unobs_or_zero_occ_residues.occupancy_flag 
_pdbx_unobs_or_zero_occ_residues.auth_asym_id 
_pdbx_unobs_or_zero_occ_residues.auth_comp_id 
_pdbx_unobs_or_zero_occ_residues.auth_seq_id 
_pdbx_unobs_or_zero_occ_residues.PDB_ins_code 
_pdbx_unobs_or_zero_occ_residues.label_asym_id 
_pdbx_unobs_or_zero_occ_residues.label_comp_id 
_pdbx_unobs_or_zero_occ_residues.label_seq_id 
1  1 Y 1 A GLY -2 ? A GLY 1  
2  1 Y 1 A SER -1 ? A SER 2  
3  1 Y 1 A TYR 1  ? A TYR 3  
4  1 Y 1 A HIS 2  ? A HIS 4  
5  1 Y 1 A ALA 3  ? A ALA 5  
6  1 Y 1 A ASP 4  ? A ASP 6  
7  1 Y 1 A PRO 5  ? A PRO 7  
8  1 Y 1 A LYS 63 ? A LYS 65 
9  1 Y 1 A GLN 64 ? A GLN 66 
10 1 Y 1 A GLY 65 ? A GLY 67 
11 1 Y 1 A HIS 66 ? A HIS 68 
12 1 Y 1 A ASP 67 ? A ASP 69 
13 1 Y 1 A TYR 68 ? A TYR 70 
14 1 Y 1 A SER 69 ? A SER 71 
15 1 Y 1 A THR 70 ? A THR 72 
16 1 Y 1 A ALA 71 ? A ALA 73 
17 1 Y 1 A GLN 72 ? A GLN 74 
18 1 Y 1 A GLN 73 ? A GLN 75 
19 1 Y 1 A LEU 74 ? A LEU 76 
20 1 Y 1 A LEU 75 ? A LEU 77 
21 1 Y 1 A ARG 76 ? A ARG 78 
22 1 Y 1 A SER 77 ? A SER 79 
23 1 Y 1 A SER 78 ? A SER 80 
# 
loop_
_chem_comp_atom.comp_id 
_chem_comp_atom.atom_id 
_chem_comp_atom.type_symbol 
_chem_comp_atom.pdbx_aromatic_flag 
_chem_comp_atom.pdbx_stereo_config 
_chem_comp_atom.pdbx_ordinal 
ALA N    N N N 1   
ALA CA   C N S 2   
ALA C    C N N 3   
ALA O    O N N 4   
ALA CB   C N N 5   
ALA OXT  O N N 6   
ALA H    H N N 7   
ALA H2   H N N 8   
ALA HA   H N N 9   
ALA HB1  H N N 10  
ALA HB2  H N N 11  
ALA HB3  H N N 12  
ALA HXT  H N N 13  
ARG N    N N N 14  
ARG CA   C N S 15  
ARG C    C N N 16  
ARG O    O N N 17  
ARG CB   C N N 18  
ARG CG   C N N 19  
ARG CD   C N N 20  
ARG NE   N N N 21  
ARG CZ   C N N 22  
ARG NH1  N N N 23  
ARG NH2  N N N 24  
ARG OXT  O N N 25  
ARG H    H N N 26  
ARG H2   H N N 27  
ARG HA   H N N 28  
ARG HB2  H N N 29  
ARG HB3  H N N 30  
ARG HG2  H N N 31  
ARG HG3  H N N 32  
ARG HD2  H N N 33  
ARG HD3  H N N 34  
ARG HE   H N N 35  
ARG HH11 H N N 36  
ARG HH12 H N N 37  
ARG HH21 H N N 38  
ARG HH22 H N N 39  
ARG HXT  H N N 40  
ASN N    N N N 41  
ASN CA   C N S 42  
ASN C    C N N 43  
ASN O    O N N 44  
ASN CB   C N N 45  
ASN CG   C N N 46  
ASN OD1  O N N 47  
ASN ND2  N N N 48  
ASN OXT  O N N 49  
ASN H    H N N 50  
ASN H2   H N N 51  
ASN HA   H N N 52  
ASN HB2  H N N 53  
ASN HB3  H N N 54  
ASN HD21 H N N 55  
ASN HD22 H N N 56  
ASN HXT  H N N 57  
ASP N    N N N 58  
ASP CA   C N S 59  
ASP C    C N N 60  
ASP O    O N N 61  
ASP CB   C N N 62  
ASP CG   C N N 63  
ASP OD1  O N N 64  
ASP OD2  O N N 65  
ASP OXT  O N N 66  
ASP H    H N N 67  
ASP H2   H N N 68  
ASP HA   H N N 69  
ASP HB2  H N N 70  
ASP HB3  H N N 71  
ASP HD2  H N N 72  
ASP HXT  H N N 73  
CYS N    N N N 74  
CYS CA   C N R 75  
CYS C    C N N 76  
CYS O    O N N 77  
CYS CB   C N N 78  
CYS SG   S N N 79  
CYS OXT  O N N 80  
CYS H    H N N 81  
CYS H2   H N N 82  
CYS HA   H N N 83  
CYS HB2  H N N 84  
CYS HB3  H N N 85  
CYS HG   H N N 86  
CYS HXT  H N N 87  
GLN N    N N N 88  
GLN CA   C N S 89  
GLN C    C N N 90  
GLN O    O N N 91  
GLN CB   C N N 92  
GLN CG   C N N 93  
GLN CD   C N N 94  
GLN OE1  O N N 95  
GLN NE2  N N N 96  
GLN OXT  O N N 97  
GLN H    H N N 98  
GLN H2   H N N 99  
GLN HA   H N N 100 
GLN HB2  H N N 101 
GLN HB3  H N N 102 
GLN HG2  H N N 103 
GLN HG3  H N N 104 
GLN HE21 H N N 105 
GLN HE22 H N N 106 
GLN HXT  H N N 107 
GLU N    N N N 108 
GLU CA   C N S 109 
GLU C    C N N 110 
GLU O    O N N 111 
GLU CB   C N N 112 
GLU CG   C N N 113 
GLU CD   C N N 114 
GLU OE1  O N N 115 
GLU OE2  O N N 116 
GLU OXT  O N N 117 
GLU H    H N N 118 
GLU H2   H N N 119 
GLU HA   H N N 120 
GLU HB2  H N N 121 
GLU HB3  H N N 122 
GLU HG2  H N N 123 
GLU HG3  H N N 124 
GLU HE2  H N N 125 
GLU HXT  H N N 126 
GLY N    N N N 127 
GLY CA   C N N 128 
GLY C    C N N 129 
GLY O    O N N 130 
GLY OXT  O N N 131 
GLY H    H N N 132 
GLY H2   H N N 133 
GLY HA2  H N N 134 
GLY HA3  H N N 135 
GLY HXT  H N N 136 
HIS N    N N N 137 
HIS CA   C N S 138 
HIS C    C N N 139 
HIS O    O N N 140 
HIS CB   C N N 141 
HIS CG   C Y N 142 
HIS ND1  N Y N 143 
HIS CD2  C Y N 144 
HIS CE1  C Y N 145 
HIS NE2  N Y N 146 
HIS OXT  O N N 147 
HIS H    H N N 148 
HIS H2   H N N 149 
HIS HA   H N N 150 
HIS HB2  H N N 151 
HIS HB3  H N N 152 
HIS HD1  H N N 153 
HIS HD2  H N N 154 
HIS HE1  H N N 155 
HIS HE2  H N N 156 
HIS HXT  H N N 157 
HOH O    O N N 158 
HOH H1   H N N 159 
HOH H2   H N N 160 
ILE N    N N N 161 
ILE CA   C N S 162 
ILE C    C N N 163 
ILE O    O N N 164 
ILE CB   C N S 165 
ILE CG1  C N N 166 
ILE CG2  C N N 167 
ILE CD1  C N N 168 
ILE OXT  O N N 169 
ILE H    H N N 170 
ILE H2   H N N 171 
ILE HA   H N N 172 
ILE HB   H N N 173 
ILE HG12 H N N 174 
ILE HG13 H N N 175 
ILE HG21 H N N 176 
ILE HG22 H N N 177 
ILE HG23 H N N 178 
ILE HD11 H N N 179 
ILE HD12 H N N 180 
ILE HD13 H N N 181 
ILE HXT  H N N 182 
LEU N    N N N 183 
LEU CA   C N S 184 
LEU C    C N N 185 
LEU O    O N N 186 
LEU CB   C N N 187 
LEU CG   C N N 188 
LEU CD1  C N N 189 
LEU CD2  C N N 190 
LEU OXT  O N N 191 
LEU H    H N N 192 
LEU H2   H N N 193 
LEU HA   H N N 194 
LEU HB2  H N N 195 
LEU HB3  H N N 196 
LEU HG   H N N 197 
LEU HD11 H N N 198 
LEU HD12 H N N 199 
LEU HD13 H N N 200 
LEU HD21 H N N 201 
LEU HD22 H N N 202 
LEU HD23 H N N 203 
LEU HXT  H N N 204 
LYS N    N N N 205 
LYS CA   C N S 206 
LYS C    C N N 207 
LYS O    O N N 208 
LYS CB   C N N 209 
LYS CG   C N N 210 
LYS CD   C N N 211 
LYS CE   C N N 212 
LYS NZ   N N N 213 
LYS OXT  O N N 214 
LYS H    H N N 215 
LYS H2   H N N 216 
LYS HA   H N N 217 
LYS HB2  H N N 218 
LYS HB3  H N N 219 
LYS HG2  H N N 220 
LYS HG3  H N N 221 
LYS HD2  H N N 222 
LYS HD3  H N N 223 
LYS HE2  H N N 224 
LYS HE3  H N N 225 
LYS HZ1  H N N 226 
LYS HZ2  H N N 227 
LYS HZ3  H N N 228 
LYS HXT  H N N 229 
MET N    N N N 230 
MET CA   C N S 231 
MET C    C N N 232 
MET O    O N N 233 
MET CB   C N N 234 
MET CG   C N N 235 
MET SD   S N N 236 
MET CE   C N N 237 
MET OXT  O N N 238 
MET H    H N N 239 
MET H2   H N N 240 
MET HA   H N N 241 
MET HB2  H N N 242 
MET HB3  H N N 243 
MET HG2  H N N 244 
MET HG3  H N N 245 
MET HE1  H N N 246 
MET HE2  H N N 247 
MET HE3  H N N 248 
MET HXT  H N N 249 
PHE N    N N N 250 
PHE CA   C N S 251 
PHE C    C N N 252 
PHE O    O N N 253 
PHE CB   C N N 254 
PHE CG   C Y N 255 
PHE CD1  C Y N 256 
PHE CD2  C Y N 257 
PHE CE1  C Y N 258 
PHE CE2  C Y N 259 
PHE CZ   C Y N 260 
PHE OXT  O N N 261 
PHE H    H N N 262 
PHE H2   H N N 263 
PHE HA   H N N 264 
PHE HB2  H N N 265 
PHE HB3  H N N 266 
PHE HD1  H N N 267 
PHE HD2  H N N 268 
PHE HE1  H N N 269 
PHE HE2  H N N 270 
PHE HZ   H N N 271 
PHE HXT  H N N 272 
PRO N    N N N 273 
PRO CA   C N S 274 
PRO C    C N N 275 
PRO O    O N N 276 
PRO CB   C N N 277 
PRO CG   C N N 278 
PRO CD   C N N 279 
PRO OXT  O N N 280 
PRO H    H N N 281 
PRO HA   H N N 282 
PRO HB2  H N N 283 
PRO HB3  H N N 284 
PRO HG2  H N N 285 
PRO HG3  H N N 286 
PRO HD2  H N N 287 
PRO HD3  H N N 288 
PRO HXT  H N N 289 
SER N    N N N 290 
SER CA   C N S 291 
SER C    C N N 292 
SER O    O N N 293 
SER CB   C N N 294 
SER OG   O N N 295 
SER OXT  O N N 296 
SER H    H N N 297 
SER H2   H N N 298 
SER HA   H N N 299 
SER HB2  H N N 300 
SER HB3  H N N 301 
SER HG   H N N 302 
SER HXT  H N N 303 
THR N    N N N 304 
THR CA   C N S 305 
THR C    C N N 306 
THR O    O N N 307 
THR CB   C N R 308 
THR OG1  O N N 309 
THR CG2  C N N 310 
THR OXT  O N N 311 
THR H    H N N 312 
THR H2   H N N 313 
THR HA   H N N 314 
THR HB   H N N 315 
THR HG1  H N N 316 
THR HG21 H N N 317 
THR HG22 H N N 318 
THR HG23 H N N 319 
THR HXT  H N N 320 
TRP N    N N N 321 
TRP CA   C N S 322 
TRP C    C N N 323 
TRP O    O N N 324 
TRP CB   C N N 325 
TRP CG   C Y N 326 
TRP CD1  C Y N 327 
TRP CD2  C Y N 328 
TRP NE1  N Y N 329 
TRP CE2  C Y N 330 
TRP CE3  C Y N 331 
TRP CZ2  C Y N 332 
TRP CZ3  C Y N 333 
TRP CH2  C Y N 334 
TRP OXT  O N N 335 
TRP H    H N N 336 
TRP H2   H N N 337 
TRP HA   H N N 338 
TRP HB2  H N N 339 
TRP HB3  H N N 340 
TRP HD1  H N N 341 
TRP HE1  H N N 342 
TRP HE3  H N N 343 
TRP HZ2  H N N 344 
TRP HZ3  H N N 345 
TRP HH2  H N N 346 
TRP HXT  H N N 347 
TYR N    N N N 348 
TYR CA   C N S 349 
TYR C    C N N 350 
TYR O    O N N 351 
TYR CB   C N N 352 
TYR CG   C Y N 353 
TYR CD1  C Y N 354 
TYR CD2  C Y N 355 
TYR CE1  C Y N 356 
TYR CE2  C Y N 357 
TYR CZ   C Y N 358 
TYR OH   O N N 359 
TYR OXT  O N N 360 
TYR H    H N N 361 
TYR H2   H N N 362 
TYR HA   H N N 363 
TYR HB2  H N N 364 
TYR HB3  H N N 365 
TYR HD1  H N N 366 
TYR HD2  H N N 367 
TYR HE1  H N N 368 
TYR HE2  H N N 369 
TYR HH   H N N 370 
TYR HXT  H N N 371 
VAL N    N N N 372 
VAL CA   C N S 373 
VAL C    C N N 374 
VAL O    O N N 375 
VAL CB   C N N 376 
VAL CG1  C N N 377 
VAL CG2  C N N 378 
VAL OXT  O N N 379 
VAL H    H N N 380 
VAL H2   H N N 381 
VAL HA   H N N 382 
VAL HB   H N N 383 
VAL HG11 H N N 384 
VAL HG12 H N N 385 
VAL HG13 H N N 386 
VAL HG21 H N N 387 
VAL HG22 H N N 388 
VAL HG23 H N N 389 
VAL HXT  H N N 390 
# 
loop_
_chem_comp_bond.comp_id 
_chem_comp_bond.atom_id_1 
_chem_comp_bond.atom_id_2 
_chem_comp_bond.value_order 
_chem_comp_bond.pdbx_aromatic_flag 
_chem_comp_bond.pdbx_stereo_config 
_chem_comp_bond.pdbx_ordinal 
ALA N   CA   sing N N 1   
ALA N   H    sing N N 2   
ALA N   H2   sing N N 3   
ALA CA  C    sing N N 4   
ALA CA  CB   sing N N 5   
ALA CA  HA   sing N N 6   
ALA C   O    doub N N 7   
ALA C   OXT  sing N N 8   
ALA CB  HB1  sing N N 9   
ALA CB  HB2  sing N N 10  
ALA CB  HB3  sing N N 11  
ALA OXT HXT  sing N N 12  
ARG N   CA   sing N N 13  
ARG N   H    sing N N 14  
ARG N   H2   sing N N 15  
ARG CA  C    sing N N 16  
ARG CA  CB   sing N N 17  
ARG CA  HA   sing N N 18  
ARG C   O    doub N N 19  
ARG C   OXT  sing N N 20  
ARG CB  CG   sing N N 21  
ARG CB  HB2  sing N N 22  
ARG CB  HB3  sing N N 23  
ARG CG  CD   sing N N 24  
ARG CG  HG2  sing N N 25  
ARG CG  HG3  sing N N 26  
ARG CD  NE   sing N N 27  
ARG CD  HD2  sing N N 28  
ARG CD  HD3  sing N N 29  
ARG NE  CZ   sing N N 30  
ARG NE  HE   sing N N 31  
ARG CZ  NH1  sing N N 32  
ARG CZ  NH2  doub N N 33  
ARG NH1 HH11 sing N N 34  
ARG NH1 HH12 sing N N 35  
ARG NH2 HH21 sing N N 36  
ARG NH2 HH22 sing N N 37  
ARG OXT HXT  sing N N 38  
ASN N   CA   sing N N 39  
ASN N   H    sing N N 40  
ASN N   H2   sing N N 41  
ASN CA  C    sing N N 42  
ASN CA  CB   sing N N 43  
ASN CA  HA   sing N N 44  
ASN C   O    doub N N 45  
ASN C   OXT  sing N N 46  
ASN CB  CG   sing N N 47  
ASN CB  HB2  sing N N 48  
ASN CB  HB3  sing N N 49  
ASN CG  OD1  doub N N 50  
ASN CG  ND2  sing N N 51  
ASN ND2 HD21 sing N N 52  
ASN ND2 HD22 sing N N 53  
ASN OXT HXT  sing N N 54  
ASP N   CA   sing N N 55  
ASP N   H    sing N N 56  
ASP N   H2   sing N N 57  
ASP CA  C    sing N N 58  
ASP CA  CB   sing N N 59  
ASP CA  HA   sing N N 60  
ASP C   O    doub N N 61  
ASP C   OXT  sing N N 62  
ASP CB  CG   sing N N 63  
ASP CB  HB2  sing N N 64  
ASP CB  HB3  sing N N 65  
ASP CG  OD1  doub N N 66  
ASP CG  OD2  sing N N 67  
ASP OD2 HD2  sing N N 68  
ASP OXT HXT  sing N N 69  
CYS N   CA   sing N N 70  
CYS N   H    sing N N 71  
CYS N   H2   sing N N 72  
CYS CA  C    sing N N 73  
CYS CA  CB   sing N N 74  
CYS CA  HA   sing N N 75  
CYS C   O    doub N N 76  
CYS C   OXT  sing N N 77  
CYS CB  SG   sing N N 78  
CYS CB  HB2  sing N N 79  
CYS CB  HB3  sing N N 80  
CYS SG  HG   sing N N 81  
CYS OXT HXT  sing N N 82  
GLN N   CA   sing N N 83  
GLN N   H    sing N N 84  
GLN N   H2   sing N N 85  
GLN CA  C    sing N N 86  
GLN CA  CB   sing N N 87  
GLN CA  HA   sing N N 88  
GLN C   O    doub N N 89  
GLN C   OXT  sing N N 90  
GLN CB  CG   sing N N 91  
GLN CB  HB2  sing N N 92  
GLN CB  HB3  sing N N 93  
GLN CG  CD   sing N N 94  
GLN CG  HG2  sing N N 95  
GLN CG  HG3  sing N N 96  
GLN CD  OE1  doub N N 97  
GLN CD  NE2  sing N N 98  
GLN NE2 HE21 sing N N 99  
GLN NE2 HE22 sing N N 100 
GLN OXT HXT  sing N N 101 
GLU N   CA   sing N N 102 
GLU N   H    sing N N 103 
GLU N   H2   sing N N 104 
GLU CA  C    sing N N 105 
GLU CA  CB   sing N N 106 
GLU CA  HA   sing N N 107 
GLU C   O    doub N N 108 
GLU C   OXT  sing N N 109 
GLU CB  CG   sing N N 110 
GLU CB  HB2  sing N N 111 
GLU CB  HB3  sing N N 112 
GLU CG  CD   sing N N 113 
GLU CG  HG2  sing N N 114 
GLU CG  HG3  sing N N 115 
GLU CD  OE1  doub N N 116 
GLU CD  OE2  sing N N 117 
GLU OE2 HE2  sing N N 118 
GLU OXT HXT  sing N N 119 
GLY N   CA   sing N N 120 
GLY N   H    sing N N 121 
GLY N   H2   sing N N 122 
GLY CA  C    sing N N 123 
GLY CA  HA2  sing N N 124 
GLY CA  HA3  sing N N 125 
GLY C   O    doub N N 126 
GLY C   OXT  sing N N 127 
GLY OXT HXT  sing N N 128 
HIS N   CA   sing N N 129 
HIS N   H    sing N N 130 
HIS N   H2   sing N N 131 
HIS CA  C    sing N N 132 
HIS CA  CB   sing N N 133 
HIS CA  HA   sing N N 134 
HIS C   O    doub N N 135 
HIS C   OXT  sing N N 136 
HIS CB  CG   sing N N 137 
HIS CB  HB2  sing N N 138 
HIS CB  HB3  sing N N 139 
HIS CG  ND1  sing Y N 140 
HIS CG  CD2  doub Y N 141 
HIS ND1 CE1  doub Y N 142 
HIS ND1 HD1  sing N N 143 
HIS CD2 NE2  sing Y N 144 
HIS CD2 HD2  sing N N 145 
HIS CE1 NE2  sing Y N 146 
HIS CE1 HE1  sing N N 147 
HIS NE2 HE2  sing N N 148 
HIS OXT HXT  sing N N 149 
HOH O   H1   sing N N 150 
HOH O   H2   sing N N 151 
ILE N   CA   sing N N 152 
ILE N   H    sing N N 153 
ILE N   H2   sing N N 154 
ILE CA  C    sing N N 155 
ILE CA  CB   sing N N 156 
ILE CA  HA   sing N N 157 
ILE C   O    doub N N 158 
ILE C   OXT  sing N N 159 
ILE CB  CG1  sing N N 160 
ILE CB  CG2  sing N N 161 
ILE CB  HB   sing N N 162 
ILE CG1 CD1  sing N N 163 
ILE CG1 HG12 sing N N 164 
ILE CG1 HG13 sing N N 165 
ILE CG2 HG21 sing N N 166 
ILE CG2 HG22 sing N N 167 
ILE CG2 HG23 sing N N 168 
ILE CD1 HD11 sing N N 169 
ILE CD1 HD12 sing N N 170 
ILE CD1 HD13 sing N N 171 
ILE OXT HXT  sing N N 172 
LEU N   CA   sing N N 173 
LEU N   H    sing N N 174 
LEU N   H2   sing N N 175 
LEU CA  C    sing N N 176 
LEU CA  CB   sing N N 177 
LEU CA  HA   sing N N 178 
LEU C   O    doub N N 179 
LEU C   OXT  sing N N 180 
LEU CB  CG   sing N N 181 
LEU CB  HB2  sing N N 182 
LEU CB  HB3  sing N N 183 
LEU CG  CD1  sing N N 184 
LEU CG  CD2  sing N N 185 
LEU CG  HG   sing N N 186 
LEU CD1 HD11 sing N N 187 
LEU CD1 HD12 sing N N 188 
LEU CD1 HD13 sing N N 189 
LEU CD2 HD21 sing N N 190 
LEU CD2 HD22 sing N N 191 
LEU CD2 HD23 sing N N 192 
LEU OXT HXT  sing N N 193 
LYS N   CA   sing N N 194 
LYS N   H    sing N N 195 
LYS N   H2   sing N N 196 
LYS CA  C    sing N N 197 
LYS CA  CB   sing N N 198 
LYS CA  HA   sing N N 199 
LYS C   O    doub N N 200 
LYS C   OXT  sing N N 201 
LYS CB  CG   sing N N 202 
LYS CB  HB2  sing N N 203 
LYS CB  HB3  sing N N 204 
LYS CG  CD   sing N N 205 
LYS CG  HG2  sing N N 206 
LYS CG  HG3  sing N N 207 
LYS CD  CE   sing N N 208 
LYS CD  HD2  sing N N 209 
LYS CD  HD3  sing N N 210 
LYS CE  NZ   sing N N 211 
LYS CE  HE2  sing N N 212 
LYS CE  HE3  sing N N 213 
LYS NZ  HZ1  sing N N 214 
LYS NZ  HZ2  sing N N 215 
LYS NZ  HZ3  sing N N 216 
LYS OXT HXT  sing N N 217 
MET N   CA   sing N N 218 
MET N   H    sing N N 219 
MET N   H2   sing N N 220 
MET CA  C    sing N N 221 
MET CA  CB   sing N N 222 
MET CA  HA   sing N N 223 
MET C   O    doub N N 224 
MET C   OXT  sing N N 225 
MET CB  CG   sing N N 226 
MET CB  HB2  sing N N 227 
MET CB  HB3  sing N N 228 
MET CG  SD   sing N N 229 
MET CG  HG2  sing N N 230 
MET CG  HG3  sing N N 231 
MET SD  CE   sing N N 232 
MET CE  HE1  sing N N 233 
MET CE  HE2  sing N N 234 
MET CE  HE3  sing N N 235 
MET OXT HXT  sing N N 236 
PHE N   CA   sing N N 237 
PHE N   H    sing N N 238 
PHE N   H2   sing N N 239 
PHE CA  C    sing N N 240 
PHE CA  CB   sing N N 241 
PHE CA  HA   sing N N 242 
PHE C   O    doub N N 243 
PHE C   OXT  sing N N 244 
PHE CB  CG   sing N N 245 
PHE CB  HB2  sing N N 246 
PHE CB  HB3  sing N N 247 
PHE CG  CD1  doub Y N 248 
PHE CG  CD2  sing Y N 249 
PHE CD1 CE1  sing Y N 250 
PHE CD1 HD1  sing N N 251 
PHE CD2 CE2  doub Y N 252 
PHE CD2 HD2  sing N N 253 
PHE CE1 CZ   doub Y N 254 
PHE CE1 HE1  sing N N 255 
PHE CE2 CZ   sing Y N 256 
PHE CE2 HE2  sing N N 257 
PHE CZ  HZ   sing N N 258 
PHE OXT HXT  sing N N 259 
PRO N   CA   sing N N 260 
PRO N   CD   sing N N 261 
PRO N   H    sing N N 262 
PRO CA  C    sing N N 263 
PRO CA  CB   sing N N 264 
PRO CA  HA   sing N N 265 
PRO C   O    doub N N 266 
PRO C   OXT  sing N N 267 
PRO CB  CG   sing N N 268 
PRO CB  HB2  sing N N 269 
PRO CB  HB3  sing N N 270 
PRO CG  CD   sing N N 271 
PRO CG  HG2  sing N N 272 
PRO CG  HG3  sing N N 273 
PRO CD  HD2  sing N N 274 
PRO CD  HD3  sing N N 275 
PRO OXT HXT  sing N N 276 
SER N   CA   sing N N 277 
SER N   H    sing N N 278 
SER N   H2   sing N N 279 
SER CA  C    sing N N 280 
SER CA  CB   sing N N 281 
SER CA  HA   sing N N 282 
SER C   O    doub N N 283 
SER C   OXT  sing N N 284 
SER CB  OG   sing N N 285 
SER CB  HB2  sing N N 286 
SER CB  HB3  sing N N 287 
SER OG  HG   sing N N 288 
SER OXT HXT  sing N N 289 
THR N   CA   sing N N 290 
THR N   H    sing N N 291 
THR N   H2   sing N N 292 
THR CA  C    sing N N 293 
THR CA  CB   sing N N 294 
THR CA  HA   sing N N 295 
THR C   O    doub N N 296 
THR C   OXT  sing N N 297 
THR CB  OG1  sing N N 298 
THR CB  CG2  sing N N 299 
THR CB  HB   sing N N 300 
THR OG1 HG1  sing N N 301 
THR CG2 HG21 sing N N 302 
THR CG2 HG22 sing N N 303 
THR CG2 HG23 sing N N 304 
THR OXT HXT  sing N N 305 
TRP N   CA   sing N N 306 
TRP N   H    sing N N 307 
TRP N   H2   sing N N 308 
TRP CA  C    sing N N 309 
TRP CA  CB   sing N N 310 
TRP CA  HA   sing N N 311 
TRP C   O    doub N N 312 
TRP C   OXT  sing N N 313 
TRP CB  CG   sing N N 314 
TRP CB  HB2  sing N N 315 
TRP CB  HB3  sing N N 316 
TRP CG  CD1  doub Y N 317 
TRP CG  CD2  sing Y N 318 
TRP CD1 NE1  sing Y N 319 
TRP CD1 HD1  sing N N 320 
TRP CD2 CE2  doub Y N 321 
TRP CD2 CE3  sing Y N 322 
TRP NE1 CE2  sing Y N 323 
TRP NE1 HE1  sing N N 324 
TRP CE2 CZ2  sing Y N 325 
TRP CE3 CZ3  doub Y N 326 
TRP CE3 HE3  sing N N 327 
TRP CZ2 CH2  doub Y N 328 
TRP CZ2 HZ2  sing N N 329 
TRP CZ3 CH2  sing Y N 330 
TRP CZ3 HZ3  sing N N 331 
TRP CH2 HH2  sing N N 332 
TRP OXT HXT  sing N N 333 
TYR N   CA   sing N N 334 
TYR N   H    sing N N 335 
TYR N   H2   sing N N 336 
TYR CA  C    sing N N 337 
TYR CA  CB   sing N N 338 
TYR CA  HA   sing N N 339 
TYR C   O    doub N N 340 
TYR C   OXT  sing N N 341 
TYR CB  CG   sing N N 342 
TYR CB  HB2  sing N N 343 
TYR CB  HB3  sing N N 344 
TYR CG  CD1  doub Y N 345 
TYR CG  CD2  sing Y N 346 
TYR CD1 CE1  sing Y N 347 
TYR CD1 HD1  sing N N 348 
TYR CD2 CE2  doub Y N 349 
TYR CD2 HD2  sing N N 350 
TYR CE1 CZ   doub Y N 351 
TYR CE1 HE1  sing N N 352 
TYR CE2 CZ   sing Y N 353 
TYR CE2 HE2  sing N N 354 
TYR CZ  OH   sing N N 355 
TYR OH  HH   sing N N 356 
TYR OXT HXT  sing N N 357 
VAL N   CA   sing N N 358 
VAL N   H    sing N N 359 
VAL N   H2   sing N N 360 
VAL CA  C    sing N N 361 
VAL CA  CB   sing N N 362 
VAL CA  HA   sing N N 363 
VAL C   O    doub N N 364 
VAL C   OXT  sing N N 365 
VAL CB  CG1  sing N N 366 
VAL CB  CG2  sing N N 367 
VAL CB  HB   sing N N 368 
VAL CG1 HG11 sing N N 369 
VAL CG1 HG12 sing N N 370 
VAL CG1 HG13 sing N N 371 
VAL CG2 HG21 sing N N 372 
VAL CG2 HG22 sing N N 373 
VAL CG2 HG23 sing N N 374 
VAL OXT HXT  sing N N 375 
# 
_pdbx_entity_nonpoly.entity_id   2 
_pdbx_entity_nonpoly.name        water 
_pdbx_entity_nonpoly.comp_id     HOH 
# 
_pdbx_initial_refinement_model.id               1 
_pdbx_initial_refinement_model.entity_id_list   ? 
_pdbx_initial_refinement_model.type             'experimental model' 
_pdbx_initial_refinement_model.source_name      PDB 
_pdbx_initial_refinement_model.accession_code   1COK 
_pdbx_initial_refinement_model.details          'PDB ENTRY 1COK' 
# 
